data_8HIS
# 
_entry.id   8HIS 
# 
_audit_conform.dict_name       mmcif_pdbx.dic 
_audit_conform.dict_version    5.376 
_audit_conform.dict_location   http://mmcif.pdb.org/dictionaries/ascii/mmcif_pdbx.dic 
# 
loop_
_database_2.database_id 
_database_2.database_code 
_database_2.pdbx_database_accession 
_database_2.pdbx_DOI 
PDB   8HIS         pdb_00008his 10.2210/pdb8his/pdb 
WWPDB D_1300032951 ?            ?                   
# 
_pdbx_database_status.status_code                     REL 
_pdbx_database_status.status_code_sf                  REL 
_pdbx_database_status.status_code_mr                  ? 
_pdbx_database_status.entry_id                        8HIS 
_pdbx_database_status.recvd_initial_deposition_date   2022-11-21 
_pdbx_database_status.SG_entry                        N 
_pdbx_database_status.deposit_site                    PDBJ 
_pdbx_database_status.process_site                    PDBJ 
_pdbx_database_status.status_code_cs                  ? 
_pdbx_database_status.status_code_nmr_data            ? 
_pdbx_database_status.methods_development_category    ? 
_pdbx_database_status.pdb_format_compatible           Y 
# 
loop_
_audit_author.name 
_audit_author.pdbx_ordinal 
_audit_author.identifier_ORCID 
'Aoyama, H.'    1 0000-0001-7915-8975 
'Obika, S.'     2 0000-0002-6842-6812 
'Yamaguchi, T.' 3 0000-0003-3180-0257 
# 
_citation.abstract                  ? 
_citation.abstract_id_CAS           ? 
_citation.book_id_ISBN              ? 
_citation.book_publisher            ? 
_citation.book_publisher_city       ? 
_citation.book_title                ? 
_citation.coordinate_linkage        ? 
_citation.country                   UK 
_citation.database_id_Medline       ? 
_citation.details                   ? 
_citation.id                        primary 
_citation.journal_abbrev            'Nucleic Acids Res.' 
_citation.journal_id_ASTM           NARHAD 
_citation.journal_id_CSD            0389 
_citation.journal_id_ISSN           1362-4962 
_citation.journal_full              ? 
_citation.journal_issue             ? 
_citation.journal_volume            51 
_citation.language                  ? 
_citation.page_first                7749 
_citation.page_last                 7761 
_citation.title                     
;Mechanism of the extremely high duplex-forming ability of oligonucleotides modified with N-tert-butylguanidine- or N-tert-butyl-N'- methylguanidine-bridged nucleic acids.
;
_citation.year                      2023 
_citation.database_id_CSD           ? 
_citation.pdbx_database_id_DOI      10.1093/nar/gkad608 
_citation.pdbx_database_id_PubMed   37462081 
_citation.pdbx_database_id_patent   ? 
_citation.unpublished_flag          ? 
# 
loop_
_citation_author.citation_id 
_citation_author.name 
_citation_author.ordinal 
_citation_author.identifier_ORCID 
primary 'Yamaguchi, T.' 1 ? 
primary 'Horie, N.'     2 ? 
primary 'Aoyama, H.'    3 ? 
primary 'Kumagai, S.'   4 ? 
primary 'Obika, S.'     5 ? 
# 
_cell.angle_alpha                  90.00 
_cell.angle_alpha_esd              ? 
_cell.angle_beta                   90.00 
_cell.angle_beta_esd               ? 
_cell.angle_gamma                  90.00 
_cell.angle_gamma_esd              ? 
_cell.entry_id                     8HIS 
_cell.details                      ? 
_cell.formula_units_Z              ? 
_cell.length_a                     25.070 
_cell.length_a_esd                 ? 
_cell.length_b                     44.360 
_cell.length_b_esd                 ? 
_cell.length_c                     45.190 
_cell.length_c_esd                 ? 
_cell.volume                       ? 
_cell.volume_esd                   ? 
_cell.Z_PDB                        8 
_cell.reciprocal_angle_alpha       ? 
_cell.reciprocal_angle_beta        ? 
_cell.reciprocal_angle_gamma       ? 
_cell.reciprocal_angle_alpha_esd   ? 
_cell.reciprocal_angle_beta_esd    ? 
_cell.reciprocal_angle_gamma_esd   ? 
_cell.reciprocal_length_a          ? 
_cell.reciprocal_length_b          ? 
_cell.reciprocal_length_c          ? 
_cell.reciprocal_length_a_esd      ? 
_cell.reciprocal_length_b_esd      ? 
_cell.reciprocal_length_c_esd      ? 
_cell.pdbx_unique_axis             ? 
_cell.pdbx_esd_method              ? 
# 
_symmetry.entry_id                         8HIS 
_symmetry.cell_setting                     ? 
_symmetry.Int_Tables_number                19 
_symmetry.space_group_name_Hall            ? 
_symmetry.space_group_name_H-M             'P 21 21 21' 
_symmetry.pdbx_full_space_group_name_H-M   ? 
# 
loop_
_entity.id 
_entity.type 
_entity.src_method 
_entity.pdbx_description 
_entity.formula_weight 
_entity.pdbx_number_of_molecules 
_entity.pdbx_ec 
_entity.pdbx_mutation 
_entity.pdbx_fragment 
_entity.details 
1 polymer     syn 
;DNA (5'-D(*GP*CP*GP*TP*AP*(LR6)P*AP*CP*GP*C)-3')
;
3184.204 2  ? ? ? ? 
2 non-polymer syn 'CACODYLIC ACID'                                   137.997  1  ? ? ? ? 
3 water       nat water                                              18.015   91 ? ? ? ? 
# 
_entity_poly.entity_id                      1 
_entity_poly.type                           polydeoxyribonucleotide 
_entity_poly.nstd_linkage                   no 
_entity_poly.nstd_monomer                   yes 
_entity_poly.pdbx_seq_one_letter_code       '(DG)(DC)(DG)(DT)(DA)(LR6)(DA)(DC)(DG)(DC)' 
_entity_poly.pdbx_seq_one_letter_code_can   GCGTAXACGC 
_entity_poly.pdbx_strand_id                 A,B 
_entity_poly.pdbx_target_identifier         ? 
# 
loop_
_entity_poly_seq.entity_id 
_entity_poly_seq.num 
_entity_poly_seq.mon_id 
_entity_poly_seq.hetero 
1 1  DG  n 
1 2  DC  n 
1 3  DG  n 
1 4  DT  n 
1 5  DA  n 
1 6  LR6 n 
1 7  DA  n 
1 8  DC  n 
1 9  DG  n 
1 10 DC  n 
# 
_pdbx_entity_src_syn.entity_id              1 
_pdbx_entity_src_syn.pdbx_src_id            1 
_pdbx_entity_src_syn.pdbx_alt_source_flag   sample 
_pdbx_entity_src_syn.pdbx_beg_seq_num       1 
_pdbx_entity_src_syn.pdbx_end_seq_num       10 
_pdbx_entity_src_syn.organism_scientific    'synthetic construct' 
_pdbx_entity_src_syn.organism_common_name   ? 
_pdbx_entity_src_syn.ncbi_taxonomy_id       32630 
_pdbx_entity_src_syn.details                ? 
# 
_struct_ref.id                         1 
_struct_ref.db_name                    PDB 
_struct_ref.db_code                    8HIS 
_struct_ref.pdbx_db_accession          8HIS 
_struct_ref.pdbx_db_isoform            ? 
_struct_ref.entity_id                  1 
_struct_ref.pdbx_seq_one_letter_code   ? 
_struct_ref.pdbx_align_begin           1 
# 
loop_
_struct_ref_seq.align_id 
_struct_ref_seq.ref_id 
_struct_ref_seq.pdbx_PDB_id_code 
_struct_ref_seq.pdbx_strand_id 
_struct_ref_seq.seq_align_beg 
_struct_ref_seq.pdbx_seq_align_beg_ins_code 
_struct_ref_seq.seq_align_end 
_struct_ref_seq.pdbx_seq_align_end_ins_code 
_struct_ref_seq.pdbx_db_accession 
_struct_ref_seq.db_align_beg 
_struct_ref_seq.pdbx_db_align_beg_ins_code 
_struct_ref_seq.db_align_end 
_struct_ref_seq.pdbx_db_align_end_ins_code 
_struct_ref_seq.pdbx_auth_seq_align_beg 
_struct_ref_seq.pdbx_auth_seq_align_end 
1 1 8HIS A 1 ? 10 ? 8HIS 1  ? 10 ? 1  10 
2 1 8HIS B 1 ? 10 ? 8HIS 11 ? 20 ? 11 20 
# 
loop_
_chem_comp.id 
_chem_comp.type 
_chem_comp.mon_nstd_flag 
_chem_comp.name 
_chem_comp.pdbx_synonyms 
_chem_comp.formula 
_chem_comp.formula_weight 
CAD non-polymer   . 'CACODYLIC ACID' 'HYDROXYDIMETHYLARSINE OXIDE' 'C2 H7 As O2'     137.997 
DA  'DNA linking' y "2'-DEOXYADENOSINE-5'-MONOPHOSPHATE" ?                             'C10 H14 N5 O6 P' 331.222 
DC  'DNA linking' y "2'-DEOXYCYTIDINE-5'-MONOPHOSPHATE" ?                             'C9 H14 N3 O7 P'  307.197 
DG  'DNA linking' y "2'-DEOXYGUANOSINE-5'-MONOPHOSPHATE" ?                             'C10 H14 N5 O7 P' 347.221 
DT  'DNA linking' y "THYMIDINE-5'-MONOPHOSPHATE" ?                             'C10 H15 N2 O8 P' 322.208 
HOH non-polymer   . WATER ?                             'H2 O'            18.015  
LR6 'DNA linking' . 
;[(1R,3R,4R,7S)-5-(N'-tert-butyl-N-methyl-carbamimidoyl)-3-[5-methyl-2,4-bis(oxidanylidene)pyrimidin-1-yl]-7-oxidanyl-2-oxa-5-azabicyclo[2.2.1]heptan-1-yl]methyl dihydrogen phosphate
;
?                             'C17 H28 N5 O8 P' 461.407 
# 
_exptl.absorpt_coefficient_mu     ? 
_exptl.absorpt_correction_T_max   ? 
_exptl.absorpt_correction_T_min   ? 
_exptl.absorpt_correction_type    ? 
_exptl.absorpt_process_details    ? 
_exptl.entry_id                   8HIS 
_exptl.crystals_number            1 
_exptl.details                    ? 
_exptl.method                     'X-RAY DIFFRACTION' 
_exptl.method_details             ? 
# 
_exptl_crystal.colour                       ? 
_exptl_crystal.density_diffrn               ? 
_exptl_crystal.density_Matthews             1.99 
_exptl_crystal.density_method               ? 
_exptl_crystal.density_percent_sol          38.22 
_exptl_crystal.description                  ? 
_exptl_crystal.F_000                        ? 
_exptl_crystal.id                           1 
_exptl_crystal.preparation                  ? 
_exptl_crystal.size_max                     ? 
_exptl_crystal.size_mid                     ? 
_exptl_crystal.size_min                     ? 
_exptl_crystal.size_rad                     ? 
_exptl_crystal.colour_lustre                ? 
_exptl_crystal.colour_modifier              ? 
_exptl_crystal.colour_primary               ? 
_exptl_crystal.density_meas                 ? 
_exptl_crystal.density_meas_esd             ? 
_exptl_crystal.density_meas_gt              ? 
_exptl_crystal.density_meas_lt              ? 
_exptl_crystal.density_meas_temp            ? 
_exptl_crystal.density_meas_temp_esd        ? 
_exptl_crystal.density_meas_temp_gt         ? 
_exptl_crystal.density_meas_temp_lt         ? 
_exptl_crystal.pdbx_crystal_image_url       ? 
_exptl_crystal.pdbx_crystal_image_format    ? 
_exptl_crystal.pdbx_mosaicity               ? 
_exptl_crystal.pdbx_mosaicity_esd           ? 
_exptl_crystal.pdbx_mosaic_method           ? 
_exptl_crystal.pdbx_mosaic_block_size       ? 
_exptl_crystal.pdbx_mosaic_block_size_esd   ? 
# 
_exptl_crystal_grow.apparatus       ? 
_exptl_crystal_grow.atmosphere      ? 
_exptl_crystal_grow.crystal_id      1 
_exptl_crystal_grow.details         ? 
_exptl_crystal_grow.method          'VAPOR DIFFUSION, HANGING DROP' 
_exptl_crystal_grow.method_ref      ? 
_exptl_crystal_grow.pH              ? 
_exptl_crystal_grow.pressure        ? 
_exptl_crystal_grow.pressure_esd    ? 
_exptl_crystal_grow.seeding         ? 
_exptl_crystal_grow.seeding_ref     ? 
_exptl_crystal_grow.temp_details    ? 
_exptl_crystal_grow.temp_esd        ? 
_exptl_crystal_grow.time            ? 
_exptl_crystal_grow.pdbx_details    
;10% v/v (+/-)-2-Methyl-2,4-pentanediol, 0.040M Sodium cacodylate trihydrate pH 6.0, 0.012M Spermine tetrahydrochloride, 0.080M Potassium chloride, 0.020M Barium chloride
;
_exptl_crystal_grow.pdbx_pH_range   ? 
_exptl_crystal_grow.temp            293.15 
# 
_diffrn.ambient_environment              ? 
_diffrn.ambient_temp                     100 
_diffrn.ambient_temp_details             ? 
_diffrn.ambient_temp_esd                 ? 
_diffrn.crystal_id                       1 
_diffrn.crystal_support                  ? 
_diffrn.crystal_treatment                ? 
_diffrn.details                          ? 
_diffrn.id                               1 
_diffrn.ambient_pressure                 ? 
_diffrn.ambient_pressure_esd             ? 
_diffrn.ambient_pressure_gt              ? 
_diffrn.ambient_pressure_lt              ? 
_diffrn.ambient_temp_gt                  ? 
_diffrn.ambient_temp_lt                  ? 
_diffrn.pdbx_serial_crystal_experiment   N 
# 
_diffrn_detector.details                      ? 
_diffrn_detector.detector                     'IMAGE PLATE' 
_diffrn_detector.diffrn_id                    1 
_diffrn_detector.type                         'RIGAKU RAXIS IV++' 
_diffrn_detector.area_resol_mean              ? 
_diffrn_detector.dtime                        ? 
_diffrn_detector.pdbx_frames_total            ? 
_diffrn_detector.pdbx_collection_time_total   ? 
_diffrn_detector.pdbx_collection_date         2019-03-26 
_diffrn_detector.pdbx_frequency               ? 
# 
_diffrn_radiation.collimation                      ? 
_diffrn_radiation.diffrn_id                        1 
_diffrn_radiation.filter_edge                      ? 
_diffrn_radiation.inhomogeneity                    ? 
_diffrn_radiation.monochromator                    ? 
_diffrn_radiation.polarisn_norm                    ? 
_diffrn_radiation.polarisn_ratio                   ? 
_diffrn_radiation.probe                            ? 
_diffrn_radiation.type                             ? 
_diffrn_radiation.xray_symbol                      ? 
_diffrn_radiation.wavelength_id                    1 
_diffrn_radiation.pdbx_monochromatic_or_laue_m_l   M 
_diffrn_radiation.pdbx_wavelength_list             ? 
_diffrn_radiation.pdbx_wavelength                  ? 
_diffrn_radiation.pdbx_diffrn_protocol             'SINGLE WAVELENGTH' 
_diffrn_radiation.pdbx_analyzer                    ? 
_diffrn_radiation.pdbx_scattering_type             x-ray 
# 
_diffrn_radiation_wavelength.id           1 
_diffrn_radiation_wavelength.wavelength   1.5418 
_diffrn_radiation_wavelength.wt           1.0 
# 
_diffrn_source.current                     ? 
_diffrn_source.details                     ? 
_diffrn_source.diffrn_id                   1 
_diffrn_source.power                       ? 
_diffrn_source.size                        ? 
_diffrn_source.source                      'ROTATING ANODE' 
_diffrn_source.target                      ? 
_diffrn_source.type                        'RIGAKU MICROMAX-007 HF' 
_diffrn_source.voltage                     ? 
_diffrn_source.take-off_angle              ? 
_diffrn_source.pdbx_wavelength_list        1.5418 
_diffrn_source.pdbx_wavelength             ? 
_diffrn_source.pdbx_synchrotron_beamline   ? 
_diffrn_source.pdbx_synchrotron_site       ? 
# 
_reflns.B_iso_Wilson_estimate                          ? 
_reflns.entry_id                                       8HIS 
_reflns.data_reduction_details                         ? 
_reflns.data_reduction_method                          ? 
_reflns.d_resolution_high                              2.01 
_reflns.d_resolution_low                               20.13 
_reflns.details                                        ? 
_reflns.limit_h_max                                    ? 
_reflns.limit_h_min                                    ? 
_reflns.limit_k_max                                    ? 
_reflns.limit_k_min                                    ? 
_reflns.limit_l_max                                    ? 
_reflns.limit_l_min                                    ? 
_reflns.number_all                                     ? 
_reflns.number_obs                                     6474 
_reflns.observed_criterion                             ? 
_reflns.observed_criterion_F_max                       ? 
_reflns.observed_criterion_F_min                       ? 
_reflns.observed_criterion_I_max                       ? 
_reflns.observed_criterion_I_min                       ? 
_reflns.observed_criterion_sigma_F                     ? 
_reflns.observed_criterion_sigma_I                     ? 
_reflns.percent_possible_obs                           99.7 
_reflns.R_free_details                                 ? 
_reflns.Rmerge_F_all                                   ? 
_reflns.Rmerge_F_obs                                   ? 
_reflns.Friedel_coverage                               ? 
_reflns.number_gt                                      ? 
_reflns.threshold_expression                           ? 
_reflns.pdbx_redundancy                                6.5 
_reflns.pdbx_netI_over_av_sigmaI                       ? 
_reflns.pdbx_netI_over_sigmaI                          55.1 
_reflns.pdbx_res_netI_over_av_sigmaI_2                 ? 
_reflns.pdbx_res_netI_over_sigmaI_2                    ? 
_reflns.pdbx_chi_squared                               0.94 
_reflns.pdbx_scaling_rejects                           ? 
_reflns.pdbx_d_res_high_opt                            ? 
_reflns.pdbx_d_res_low_opt                             ? 
_reflns.pdbx_d_res_opt_method                          ? 
_reflns.phase_calculation_details                      ? 
_reflns.pdbx_Rrim_I_all                                0.046 
_reflns.pdbx_Rpim_I_all                                0.018 
_reflns.pdbx_d_opt                                     ? 
_reflns.pdbx_number_measured_all                       ? 
_reflns.pdbx_diffrn_id                                 1 
_reflns.pdbx_ordinal                                   1 
_reflns.pdbx_CC_half                                   0.999 
_reflns.pdbx_CC_star                                   ? 
_reflns.pdbx_R_split                                   ? 
_reflns.pdbx_Rmerge_I_obs                              0.042 
_reflns.pdbx_Rmerge_I_all                              ? 
_reflns.pdbx_Rsym_value                                ? 
_reflns.pdbx_CC_split_method                           ? 
_reflns.pdbx_aniso_diffraction_limit_axis_1_ortho[1]   ? 
_reflns.pdbx_aniso_diffraction_limit_axis_1_ortho[2]   ? 
_reflns.pdbx_aniso_diffraction_limit_axis_1_ortho[3]   ? 
_reflns.pdbx_aniso_diffraction_limit_axis_2_ortho[1]   ? 
_reflns.pdbx_aniso_diffraction_limit_axis_2_ortho[2]   ? 
_reflns.pdbx_aniso_diffraction_limit_axis_2_ortho[3]   ? 
_reflns.pdbx_aniso_diffraction_limit_axis_3_ortho[1]   ? 
_reflns.pdbx_aniso_diffraction_limit_axis_3_ortho[2]   ? 
_reflns.pdbx_aniso_diffraction_limit_axis_3_ortho[3]   ? 
_reflns.pdbx_aniso_diffraction_limit_1                 ? 
_reflns.pdbx_aniso_diffraction_limit_2                 ? 
_reflns.pdbx_aniso_diffraction_limit_3                 ? 
_reflns.pdbx_aniso_B_tensor_eigenvector_1_ortho[1]     ? 
_reflns.pdbx_aniso_B_tensor_eigenvector_1_ortho[2]     ? 
_reflns.pdbx_aniso_B_tensor_eigenvector_1_ortho[3]     ? 
_reflns.pdbx_aniso_B_tensor_eigenvector_2_ortho[1]     ? 
_reflns.pdbx_aniso_B_tensor_eigenvector_2_ortho[2]     ? 
_reflns.pdbx_aniso_B_tensor_eigenvector_2_ortho[3]     ? 
_reflns.pdbx_aniso_B_tensor_eigenvector_3_ortho[1]     ? 
_reflns.pdbx_aniso_B_tensor_eigenvector_3_ortho[2]     ? 
_reflns.pdbx_aniso_B_tensor_eigenvector_3_ortho[3]     ? 
_reflns.pdbx_aniso_B_tensor_eigenvalue_1               ? 
_reflns.pdbx_aniso_B_tensor_eigenvalue_2               ? 
_reflns.pdbx_aniso_B_tensor_eigenvalue_3               ? 
_reflns.pdbx_orthogonalization_convention              ? 
_reflns.pdbx_percent_possible_ellipsoidal              ? 
_reflns.pdbx_percent_possible_spherical                ? 
_reflns.pdbx_percent_possible_ellipsoidal_anomalous    ? 
_reflns.pdbx_percent_possible_spherical_anomalous      ? 
_reflns.pdbx_redundancy_anomalous                      ? 
_reflns.pdbx_CC_half_anomalous                         ? 
_reflns.pdbx_absDiff_over_sigma_anomalous              ? 
_reflns.pdbx_percent_possible_anomalous                ? 
_reflns.pdbx_observed_signal_threshold                 ? 
_reflns.pdbx_signal_type                               ? 
_reflns.pdbx_signal_details                            ? 
_reflns.pdbx_signal_software_id                        ? 
# 
_reflns_shell.d_res_high                                    2.01 
_reflns_shell.d_res_low                                     2.07 
_reflns_shell.meanI_over_sigI_all                           ? 
_reflns_shell.meanI_over_sigI_obs                           ? 
_reflns_shell.number_measured_all                           1890 
_reflns_shell.number_measured_obs                           ? 
_reflns_shell.number_possible                               ? 
_reflns_shell.number_unique_all                             ? 
_reflns_shell.number_unique_obs                             294 
_reflns_shell.percent_possible_obs                          99.4 
_reflns_shell.Rmerge_F_all                                  ? 
_reflns_shell.Rmerge_F_obs                                  ? 
_reflns_shell.meanI_over_sigI_gt                            ? 
_reflns_shell.meanI_over_uI_all                             ? 
_reflns_shell.meanI_over_uI_gt                              ? 
_reflns_shell.number_measured_gt                            ? 
_reflns_shell.number_unique_gt                              ? 
_reflns_shell.percent_possible_gt                           ? 
_reflns_shell.Rmerge_F_gt                                   ? 
_reflns_shell.Rmerge_I_gt                                   ? 
_reflns_shell.pdbx_redundancy                               6.4 
_reflns_shell.pdbx_chi_squared                              0.83 
_reflns_shell.pdbx_netI_over_sigmaI_all                     ? 
_reflns_shell.pdbx_netI_over_sigmaI_obs                     43.8 
_reflns_shell.pdbx_Rrim_I_all                               0.060 
_reflns_shell.pdbx_Rpim_I_all                               0.023 
_reflns_shell.pdbx_rejects                                  ? 
_reflns_shell.pdbx_ordinal                                  1 
_reflns_shell.pdbx_diffrn_id                                1 
_reflns_shell.pdbx_CC_half                                  0.998 
_reflns_shell.pdbx_CC_star                                  ? 
_reflns_shell.pdbx_R_split                                  ? 
_reflns_shell.percent_possible_all                          ? 
_reflns_shell.Rmerge_I_all                                  ? 
_reflns_shell.Rmerge_I_obs                                  0.055 
_reflns_shell.pdbx_Rsym_value                               ? 
_reflns_shell.pdbx_percent_possible_ellipsoidal             ? 
_reflns_shell.pdbx_percent_possible_spherical               ? 
_reflns_shell.pdbx_percent_possible_ellipsoidal_anomalous   ? 
_reflns_shell.pdbx_percent_possible_spherical_anomalous     ? 
_reflns_shell.pdbx_redundancy_anomalous                     ? 
_reflns_shell.pdbx_CC_half_anomalous                        ? 
_reflns_shell.pdbx_absDiff_over_sigma_anomalous             ? 
_reflns_shell.pdbx_percent_possible_anomalous               ? 
# 
_refine.aniso_B[1][1]                            ? 
_refine.aniso_B[1][2]                            ? 
_refine.aniso_B[1][3]                            ? 
_refine.aniso_B[2][2]                            ? 
_refine.aniso_B[2][3]                            ? 
_refine.aniso_B[3][3]                            ? 
_refine.B_iso_max                                ? 
_refine.B_iso_mean                               ? 
_refine.B_iso_min                                ? 
_refine.correlation_coeff_Fo_to_Fc               ? 
_refine.correlation_coeff_Fo_to_Fc_free          ? 
_refine.details                                  ? 
_refine.diff_density_max                         ? 
_refine.diff_density_max_esd                     ? 
_refine.diff_density_min                         ? 
_refine.diff_density_min_esd                     ? 
_refine.diff_density_rms                         ? 
_refine.diff_density_rms_esd                     ? 
_refine.entry_id                                 8HIS 
_refine.pdbx_refine_id                           'X-RAY DIFFRACTION' 
_refine.ls_abs_structure_details                 ? 
_refine.ls_abs_structure_Flack                   ? 
_refine.ls_abs_structure_Flack_esd               ? 
_refine.ls_abs_structure_Rogers                  ? 
_refine.ls_abs_structure_Rogers_esd              ? 
_refine.ls_d_res_high                            2.01 
_refine.ls_d_res_low                             20.13 
_refine.ls_extinction_coef                       ? 
_refine.ls_extinction_coef_esd                   ? 
_refine.ls_extinction_expression                 ? 
_refine.ls_extinction_method                     ? 
_refine.ls_goodness_of_fit_all                   ? 
_refine.ls_goodness_of_fit_all_esd               ? 
_refine.ls_goodness_of_fit_obs                   ? 
_refine.ls_goodness_of_fit_obs_esd               ? 
_refine.ls_hydrogen_treatment                    ? 
_refine.ls_matrix_type                           ? 
_refine.ls_number_constraints                    ? 
_refine.ls_number_parameters                     ? 
_refine.ls_number_reflns_all                     ? 
_refine.ls_number_reflns_obs                     6474 
_refine.ls_number_reflns_R_free                  664 
_refine.ls_number_reflns_R_work                  ? 
_refine.ls_number_restraints                     ? 
_refine.ls_percent_reflns_obs                    99.63 
_refine.ls_percent_reflns_R_free                 10.26 
_refine.ls_R_factor_all                          ? 
_refine.ls_R_factor_obs                          0.1831 
_refine.ls_R_factor_R_free                       0.2282 
_refine.ls_R_factor_R_free_error                 ? 
_refine.ls_R_factor_R_free_error_details         ? 
_refine.ls_R_factor_R_work                       0.1778 
_refine.ls_R_Fsqd_factor_obs                     ? 
_refine.ls_R_I_factor_obs                        ? 
_refine.ls_redundancy_reflns_all                 ? 
_refine.ls_redundancy_reflns_obs                 ? 
_refine.ls_restrained_S_all                      ? 
_refine.ls_restrained_S_obs                      ? 
_refine.ls_shift_over_esd_max                    ? 
_refine.ls_shift_over_esd_mean                   ? 
_refine.ls_structure_factor_coef                 ? 
_refine.ls_weighting_details                     ? 
_refine.ls_weighting_scheme                      ? 
_refine.ls_wR_factor_all                         ? 
_refine.ls_wR_factor_obs                         ? 
_refine.ls_wR_factor_R_free                      ? 
_refine.ls_wR_factor_R_work                      ? 
_refine.occupancy_max                            ? 
_refine.occupancy_min                            ? 
_refine.solvent_model_details                    'FLAT BULK SOLVENT MODEL' 
_refine.solvent_model_param_bsol                 ? 
_refine.solvent_model_param_ksol                 ? 
_refine.pdbx_R_complete                          ? 
_refine.ls_R_factor_gt                           ? 
_refine.ls_goodness_of_fit_gt                    ? 
_refine.ls_goodness_of_fit_ref                   ? 
_refine.ls_shift_over_su_max                     ? 
_refine.ls_shift_over_su_max_lt                  ? 
_refine.ls_shift_over_su_mean                    ? 
_refine.ls_shift_over_su_mean_lt                 ? 
_refine.pdbx_ls_sigma_I                          ? 
_refine.pdbx_ls_sigma_F                          1.00 
_refine.pdbx_ls_sigma_Fsqd                       ? 
_refine.pdbx_data_cutoff_high_absF               ? 
_refine.pdbx_data_cutoff_high_rms_absF           ? 
_refine.pdbx_data_cutoff_low_absF                ? 
_refine.pdbx_isotropic_thermal_model             ? 
_refine.pdbx_ls_cross_valid_method               THROUGHOUT 
_refine.pdbx_method_to_determine_struct          'MOLECULAR REPLACEMENT' 
_refine.pdbx_starting_model                      1I5W 
_refine.pdbx_stereochemistry_target_values       ML 
_refine.pdbx_R_Free_selection_details            ? 
_refine.pdbx_stereochem_target_val_spec_case     ? 
_refine.pdbx_overall_ESU_R                       ? 
_refine.pdbx_overall_ESU_R_Free                  ? 
_refine.pdbx_solvent_vdw_probe_radii             1.10 
_refine.pdbx_solvent_ion_probe_radii             ? 
_refine.pdbx_solvent_shrinkage_radii             0.90 
_refine.pdbx_real_space_R                        ? 
_refine.pdbx_density_correlation                 ? 
_refine.pdbx_pd_number_of_powder_patterns        ? 
_refine.pdbx_pd_number_of_points                 ? 
_refine.pdbx_pd_meas_number_of_points            ? 
_refine.pdbx_pd_proc_ls_prof_R_factor            ? 
_refine.pdbx_pd_proc_ls_prof_wR_factor           ? 
_refine.pdbx_pd_Marquardt_correlation_coeff      ? 
_refine.pdbx_pd_Fsqrd_R_factor                   ? 
_refine.pdbx_pd_ls_matrix_band_width             ? 
_refine.pdbx_overall_phase_error                 21.63 
_refine.pdbx_overall_SU_R_free_Cruickshank_DPI   ? 
_refine.pdbx_overall_SU_R_free_Blow_DPI          ? 
_refine.pdbx_overall_SU_R_Blow_DPI               ? 
_refine.pdbx_TLS_residual_ADP_flag               ? 
_refine.pdbx_diffrn_id                           1 
_refine.overall_SU_B                             ? 
_refine.overall_SU_ML                            0.19 
_refine.overall_SU_R_Cruickshank_DPI             ? 
_refine.overall_SU_R_free                        ? 
_refine.overall_FOM_free_R_set                   ? 
_refine.overall_FOM_work_R_set                   ? 
_refine.pdbx_average_fsc_overall                 ? 
_refine.pdbx_average_fsc_work                    ? 
_refine.pdbx_average_fsc_free                    ? 
# 
_refine_hist.pdbx_refine_id                   'X-RAY DIFFRACTION' 
_refine_hist.cycle_id                         LAST 
_refine_hist.details                          ? 
_refine_hist.d_res_high                       2.01 
_refine_hist.d_res_low                        20.13 
_refine_hist.number_atoms_solvent             91 
_refine_hist.number_atoms_total               520 
_refine_hist.number_reflns_all                ? 
_refine_hist.number_reflns_obs                ? 
_refine_hist.number_reflns_R_free             ? 
_refine_hist.number_reflns_R_work             ? 
_refine_hist.R_factor_all                     ? 
_refine_hist.R_factor_obs                     ? 
_refine_hist.R_factor_R_free                  ? 
_refine_hist.R_factor_R_work                  ? 
_refine_hist.pdbx_number_residues_total       ? 
_refine_hist.pdbx_B_iso_mean_ligand           ? 
_refine_hist.pdbx_B_iso_mean_solvent          ? 
_refine_hist.pdbx_number_atoms_protein        0 
_refine_hist.pdbx_number_atoms_nucleic_acid   424 
_refine_hist.pdbx_number_atoms_ligand         5 
_refine_hist.pdbx_number_atoms_lipid          ? 
_refine_hist.pdbx_number_atoms_carb           ? 
_refine_hist.pdbx_pseudo_atom_details         ? 
# 
loop_
_refine_ls_restr.pdbx_refine_id 
_refine_ls_restr.criterion 
_refine_ls_restr.dev_ideal 
_refine_ls_restr.dev_ideal_target 
_refine_ls_restr.number 
_refine_ls_restr.rejects 
_refine_ls_restr.type 
_refine_ls_restr.weight 
_refine_ls_restr.pdbx_restraint_function 
'X-RAY DIFFRACTION' ? 0.005  ? 478 ? f_bond_d           ? ? 
'X-RAY DIFFRACTION' ? 1.911  ? 740 ? f_angle_d          ? ? 
'X-RAY DIFFRACTION' ? 18.172 ? 208 ? f_dihedral_angle_d ? ? 
'X-RAY DIFFRACTION' ? 0.072  ? 81  ? f_chiral_restr     ? ? 
'X-RAY DIFFRACTION' ? 0.004  ? 24  ? f_plane_restr      ? ? 
# 
loop_
_refine_ls_shell.pdbx_refine_id 
_refine_ls_shell.d_res_high 
_refine_ls_shell.d_res_low 
_refine_ls_shell.number_reflns_all 
_refine_ls_shell.number_reflns_obs 
_refine_ls_shell.number_reflns_R_free 
_refine_ls_shell.number_reflns_R_work 
_refine_ls_shell.percent_reflns_obs 
_refine_ls_shell.percent_reflns_R_free 
_refine_ls_shell.R_factor_all 
_refine_ls_shell.R_factor_obs 
_refine_ls_shell.R_factor_R_free_error 
_refine_ls_shell.R_factor_R_work 
_refine_ls_shell.redundancy_reflns_all 
_refine_ls_shell.redundancy_reflns_obs 
_refine_ls_shell.wR_factor_all 
_refine_ls_shell.wR_factor_obs 
_refine_ls_shell.wR_factor_R_free 
_refine_ls_shell.wR_factor_R_work 
_refine_ls_shell.pdbx_R_complete 
_refine_ls_shell.pdbx_total_number_of_bins_used 
_refine_ls_shell.pdbx_phase_error 
_refine_ls_shell.pdbx_fsc_work 
_refine_ls_shell.pdbx_fsc_free 
_refine_ls_shell.R_factor_R_free 
'X-RAY DIFFRACTION' 2.01 2.16  . . 124 1157 99.00  . . . . 0.1999 . . . . . . . . . . . 0.2570 
'X-RAY DIFFRACTION' 2.16 2.38  . . 129 1167 99.00  . . . . 0.2041 . . . . . . . . . . . 0.2616 
'X-RAY DIFFRACTION' 2.38 2.72  . . 140 1171 100.00 . . . . 0.2167 . . . . . . . . . . . 0.2503 
'X-RAY DIFFRACTION' 2.73 3.43  . . 136 1149 100.00 . . . . 0.1793 . . . . . . . . . . . 0.2483 
'X-RAY DIFFRACTION' 3.43 20.13 . . 135 1166 100.00 . . . . 0.1400 . . . . . . . . . . . 0.1762 
# 
_struct.entry_id                     8HIS 
_struct.title                        'Crystal structure of DNA decamer containing GuNA[Me,tBu]' 
_struct.pdbx_model_details           ? 
_struct.pdbx_formula_weight          ? 
_struct.pdbx_formula_weight_method   ? 
_struct.pdbx_model_type_details      ? 
_struct.pdbx_CASP_flag               N 
# 
_struct_keywords.entry_id        8HIS 
_struct_keywords.text            'DNA, OLIGONUCLEOTIDE, MODIFIED BASE' 
_struct_keywords.pdbx_keywords   DNA 
# 
loop_
_struct_asym.id 
_struct_asym.pdbx_blank_PDB_chainid_flag 
_struct_asym.pdbx_modified 
_struct_asym.entity_id 
_struct_asym.details 
A N N 1 ? 
B N N 1 ? 
C N N 2 ? 
D N N 3 ? 
E N N 3 ? 
# 
loop_
_struct_conn.id 
_struct_conn.conn_type_id 
_struct_conn.pdbx_leaving_atom_flag 
_struct_conn.pdbx_PDB_id 
_struct_conn.ptnr1_label_asym_id 
_struct_conn.ptnr1_label_comp_id 
_struct_conn.ptnr1_label_seq_id 
_struct_conn.ptnr1_label_atom_id 
_struct_conn.pdbx_ptnr1_label_alt_id 
_struct_conn.pdbx_ptnr1_PDB_ins_code 
_struct_conn.pdbx_ptnr1_standard_comp_id 
_struct_conn.ptnr1_symmetry 
_struct_conn.ptnr2_label_asym_id 
_struct_conn.ptnr2_label_comp_id 
_struct_conn.ptnr2_label_seq_id 
_struct_conn.ptnr2_label_atom_id 
_struct_conn.pdbx_ptnr2_label_alt_id 
_struct_conn.pdbx_ptnr2_PDB_ins_code 
_struct_conn.ptnr1_auth_asym_id 
_struct_conn.ptnr1_auth_comp_id 
_struct_conn.ptnr1_auth_seq_id 
_struct_conn.ptnr2_auth_asym_id 
_struct_conn.ptnr2_auth_comp_id 
_struct_conn.ptnr2_auth_seq_id 
_struct_conn.ptnr2_symmetry 
_struct_conn.pdbx_ptnr3_label_atom_id 
_struct_conn.pdbx_ptnr3_label_seq_id 
_struct_conn.pdbx_ptnr3_label_comp_id 
_struct_conn.pdbx_ptnr3_label_asym_id 
_struct_conn.pdbx_ptnr3_label_alt_id 
_struct_conn.pdbx_ptnr3_PDB_ins_code 
_struct_conn.details 
_struct_conn.pdbx_dist_value 
_struct_conn.pdbx_value_order 
_struct_conn.pdbx_role 
covale1  covale both ? A DA  5  "O3'" ? ? ? 1_555 A LR6 6  P  ? ? A DA  5  A LR6 6  1_555 ? ? ? ? ? ? ?            1.606 ? ? 
covale2  covale both ? A LR6 6  "O3'" ? ? ? 1_555 A DA  7  P  ? ? A LR6 6  A DA  7  1_555 ? ? ? ? ? ? ?            1.606 ? ? 
covale3  covale both ? B DA  5  "O3'" ? ? ? 1_555 B LR6 6  P  ? ? B DA  15 B LR6 16 1_555 ? ? ? ? ? ? ?            1.605 ? ? 
covale4  covale both ? B LR6 6  "O3'" ? ? ? 1_555 B DA  7  P  ? ? B LR6 16 B DA  17 1_555 ? ? ? ? ? ? ?            1.611 ? ? 
hydrog1  hydrog ?    ? A DG  1  N1    ? ? ? 1_555 B DC  10 N3 ? ? A DG  1  B DC  20 1_555 ? ? ? ? ? ? WATSON-CRICK ?     ? ? 
hydrog2  hydrog ?    ? A DG  1  N2    ? ? ? 1_555 B DC  10 O2 ? ? A DG  1  B DC  20 1_555 ? ? ? ? ? ? WATSON-CRICK ?     ? ? 
hydrog3  hydrog ?    ? A DG  1  O6    ? ? ? 1_555 B DC  10 N4 ? ? A DG  1  B DC  20 1_555 ? ? ? ? ? ? WATSON-CRICK ?     ? ? 
hydrog4  hydrog ?    ? A DC  2  N3    ? ? ? 1_555 B DG  9  N1 ? ? A DC  2  B DG  19 1_555 ? ? ? ? ? ? WATSON-CRICK ?     ? ? 
hydrog5  hydrog ?    ? A DC  2  N4    ? ? ? 1_555 B DG  9  O6 ? ? A DC  2  B DG  19 1_555 ? ? ? ? ? ? WATSON-CRICK ?     ? ? 
hydrog6  hydrog ?    ? A DC  2  O2    ? ? ? 1_555 B DG  9  N2 ? ? A DC  2  B DG  19 1_555 ? ? ? ? ? ? WATSON-CRICK ?     ? ? 
hydrog7  hydrog ?    ? A DG  3  N1    ? ? ? 1_555 B DC  8  N3 ? ? A DG  3  B DC  18 1_555 ? ? ? ? ? ? WATSON-CRICK ?     ? ? 
hydrog8  hydrog ?    ? A DG  3  N2    ? ? ? 1_555 B DC  8  O2 ? ? A DG  3  B DC  18 1_555 ? ? ? ? ? ? WATSON-CRICK ?     ? ? 
hydrog9  hydrog ?    ? A DG  3  O6    ? ? ? 1_555 B DC  8  N4 ? ? A DG  3  B DC  18 1_555 ? ? ? ? ? ? WATSON-CRICK ?     ? ? 
hydrog10 hydrog ?    ? A DT  4  N3    ? ? ? 1_555 B DA  7  N1 ? ? A DT  4  B DA  17 1_555 ? ? ? ? ? ? WATSON-CRICK ?     ? ? 
hydrog11 hydrog ?    ? A DT  4  O4    ? ? ? 1_555 B DA  7  N6 ? ? A DT  4  B DA  17 1_555 ? ? ? ? ? ? WATSON-CRICK ?     ? ? 
hydrog12 hydrog ?    ? A DA  7  N1    ? ? ? 1_555 B DT  4  N3 ? ? A DA  7  B DT  14 1_555 ? ? ? ? ? ? WATSON-CRICK ?     ? ? 
hydrog13 hydrog ?    ? A DA  7  N6    ? ? ? 1_555 B DT  4  O4 ? ? A DA  7  B DT  14 1_555 ? ? ? ? ? ? WATSON-CRICK ?     ? ? 
hydrog14 hydrog ?    ? A DC  8  N3    ? ? ? 1_555 B DG  3  N1 ? ? A DC  8  B DG  13 1_555 ? ? ? ? ? ? WATSON-CRICK ?     ? ? 
hydrog15 hydrog ?    ? A DC  8  N4    ? ? ? 1_555 B DG  3  O6 ? ? A DC  8  B DG  13 1_555 ? ? ? ? ? ? WATSON-CRICK ?     ? ? 
hydrog16 hydrog ?    ? A DC  8  O2    ? ? ? 1_555 B DG  3  N2 ? ? A DC  8  B DG  13 1_555 ? ? ? ? ? ? WATSON-CRICK ?     ? ? 
hydrog17 hydrog ?    ? A DG  9  N1    ? ? ? 1_555 B DC  2  N3 ? ? A DG  9  B DC  12 1_555 ? ? ? ? ? ? WATSON-CRICK ?     ? ? 
hydrog18 hydrog ?    ? A DG  9  N2    ? ? ? 1_555 B DC  2  O2 ? ? A DG  9  B DC  12 1_555 ? ? ? ? ? ? WATSON-CRICK ?     ? ? 
hydrog19 hydrog ?    ? A DG  9  O6    ? ? ? 1_555 B DC  2  N4 ? ? A DG  9  B DC  12 1_555 ? ? ? ? ? ? WATSON-CRICK ?     ? ? 
hydrog20 hydrog ?    ? A DC  10 N3    ? ? ? 1_555 B DG  1  N1 ? ? A DC  10 B DG  11 1_555 ? ? ? ? ? ? WATSON-CRICK ?     ? ? 
hydrog21 hydrog ?    ? A DC  10 N4    ? ? ? 1_555 B DG  1  O6 ? ? A DC  10 B DG  11 1_555 ? ? ? ? ? ? WATSON-CRICK ?     ? ? 
hydrog22 hydrog ?    ? A DC  10 O2    ? ? ? 1_555 B DG  1  N2 ? ? A DC  10 B DG  11 1_555 ? ? ? ? ? ? WATSON-CRICK ?     ? ? 
# 
loop_
_struct_conn_type.id 
_struct_conn_type.criteria 
_struct_conn_type.reference 
covale ? ? 
hydrog ? ? 
# 
_atom_sites.entry_id                    8HIS 
_atom_sites.Cartn_transf_matrix[1][1]   ? 
_atom_sites.Cartn_transf_matrix[1][2]   ? 
_atom_sites.Cartn_transf_matrix[1][3]   ? 
_atom_sites.Cartn_transf_matrix[2][1]   ? 
_atom_sites.Cartn_transf_matrix[2][2]   ? 
_atom_sites.Cartn_transf_matrix[2][3]   ? 
_atom_sites.Cartn_transf_matrix[3][1]   ? 
_atom_sites.Cartn_transf_matrix[3][2]   ? 
_atom_sites.Cartn_transf_matrix[3][3]   ? 
_atom_sites.Cartn_transf_vector[1]      ? 
_atom_sites.Cartn_transf_vector[2]      ? 
_atom_sites.Cartn_transf_vector[3]      ? 
_atom_sites.fract_transf_matrix[1][1]   -0.02590951 
_atom_sites.fract_transf_matrix[1][2]   0.02995550 
_atom_sites.fract_transf_matrix[1][3]   -0.00473480 
_atom_sites.fract_transf_matrix[2][1]   -0.00259071 
_atom_sites.fract_transf_matrix[2][2]   0.00129287 
_atom_sites.fract_transf_matrix[2][3]   0.02235629 
_atom_sites.fract_transf_matrix[3][1]   0.01663166 
_atom_sites.fract_transf_matrix[3][2]   0.01455686 
_atom_sites.fract_transf_matrix[3][3]   0.00108550 
_atom_sites.fract_transf_vector[1]      -0.101360 
_atom_sites.fract_transf_vector[2]      -0.032176 
_atom_sites.fract_transf_vector[3]      0.210081 
_atom_sites.solution_primary            ? 
_atom_sites.solution_secondary          ? 
_atom_sites.solution_hydrogens          ? 
_atom_sites.special_details             ? 
# 
loop_
_atom_type.symbol 
AS 
C  
N  
O  
P  
# 
loop_
_atom_site.group_PDB 
_atom_site.id 
_atom_site.type_symbol 
_atom_site.label_atom_id 
_atom_site.label_alt_id 
_atom_site.label_comp_id 
_atom_site.label_asym_id 
_atom_site.label_entity_id 
_atom_site.label_seq_id 
_atom_site.pdbx_PDB_ins_code 
_atom_site.Cartn_x 
_atom_site.Cartn_y 
_atom_site.Cartn_z 
_atom_site.occupancy 
_atom_site.B_iso_or_equiv 
_atom_site.pdbx_formal_charge 
_atom_site.auth_seq_id 
_atom_site.auth_comp_id 
_atom_site.auth_asym_id 
_atom_site.auth_atom_id 
_atom_site.pdbx_PDB_model_num 
ATOM   1   O  "O5'"  . DG  A 1 1  ? 11.867  1.726   7.261   1.00 17.48 ? 1   DG  A "O5'"  1 
ATOM   2   C  "C5'"  . DG  A 1 1  ? 12.443  2.834   7.937   1.00 18.86 ? 1   DG  A "C5'"  1 
ATOM   3   C  "C4'"  . DG  A 1 1  ? 12.691  3.980   6.978   1.00 15.97 ? 1   DG  A "C4'"  1 
ATOM   4   O  "O4'"  . DG  A 1 1  ? 13.727  3.606   6.035   1.00 16.32 ? 1   DG  A "O4'"  1 
ATOM   5   C  "C3'"  . DG  A 1 1  ? 11.499  4.345   6.116   1.00 12.85 ? 1   DG  A "C3'"  1 
ATOM   6   O  "O3'"  . DG  A 1 1  ? 10.660  5.261   6.801   1.00 13.09 ? 1   DG  A "O3'"  1 
ATOM   7   C  "C2'"  . DG  A 1 1  ? 12.170  4.980   4.906   1.00 11.75 ? 1   DG  A "C2'"  1 
ATOM   8   C  "C1'"  . DG  A 1 1  ? 13.392  4.079   4.740   1.00 10.45 ? 1   DG  A "C1'"  1 
ATOM   9   N  N9     . DG  A 1 1  ? 13.160  2.929   3.868   1.00 11.46 ? 1   DG  A N9     1 
ATOM   10  C  C8     . DG  A 1 1  ? 12.852  1.644   4.253   1.00 12.83 ? 1   DG  A C8     1 
ATOM   11  N  N7     . DG  A 1 1  ? 12.700  0.823   3.249   1.00 13.26 ? 1   DG  A N7     1 
ATOM   12  C  C5     . DG  A 1 1  ? 12.917  1.615   2.127   1.00 13.04 ? 1   DG  A C5     1 
ATOM   13  C  C6     . DG  A 1 1  ? 12.885  1.277   0.752   1.00 12.61 ? 1   DG  A C6     1 
ATOM   14  O  O6     . DG  A 1 1  ? 12.653  0.173   0.235   1.00 12.52 ? 1   DG  A O6     1 
ATOM   15  N  N1     . DG  A 1 1  ? 13.164  2.376   -0.054  1.00 12.84 ? 1   DG  A N1     1 
ATOM   16  C  C2     . DG  A 1 1  ? 13.442  3.643   0.408   1.00 12.82 ? 1   DG  A C2     1 
ATOM   17  N  N2     . DG  A 1 1  ? 13.688  4.574   -0.528  1.00 10.88 ? 1   DG  A N2     1 
ATOM   18  N  N3     . DG  A 1 1  ? 13.473  3.974   1.691   1.00 9.05  ? 1   DG  A N3     1 
ATOM   19  C  C4     . DG  A 1 1  ? 13.204  2.913   2.492   1.00 11.26 ? 1   DG  A C4     1 
ATOM   20  P  P      . DC  A 1 2  ? 9.136   5.447   6.328   1.00 15.64 ? 2   DC  A P      1 
ATOM   21  O  OP1    . DC  A 1 2  ? 8.422   6.289   7.314   1.00 12.78 ? 2   DC  A OP1    1 
ATOM   22  O  OP2    . DC  A 1 2  ? 8.617   4.102   6.001   1.00 12.78 ? 2   DC  A OP2    1 
ATOM   23  O  "O5'"  . DC  A 1 2  ? 9.279   6.290   4.980   1.00 14.51 ? 2   DC  A "O5'"  1 
ATOM   24  C  "C5'"  . DC  A 1 2  ? 8.289   6.221   3.982   1.00 12.17 ? 2   DC  A "C5'"  1 
ATOM   25  C  "C4'"  . DC  A 1 2  ? 8.862   6.693   2.663   1.00 15.18 ? 2   DC  A "C4'"  1 
ATOM   26  O  "O4'"  . DC  A 1 2  ? 10.042  5.905   2.348   1.00 12.84 ? 2   DC  A "O4'"  1 
ATOM   27  C  "C3'"  . DC  A 1 2  ? 7.937   6.535   1.468   1.00 11.26 ? 2   DC  A "C3'"  1 
ATOM   28  O  "O3'"  . DC  A 1 2  ? 7.151   7.711   1.316   1.00 16.56 ? 2   DC  A "O3'"  1 
ATOM   29  C  "C2'"  . DC  A 1 2  ? 8.926   6.367   0.320   1.00 14.54 ? 2   DC  A "C2'"  1 
ATOM   30  C  "C1'"  . DC  A 1 2  ? 10.031  5.543   0.981   1.00 11.86 ? 2   DC  A "C1'"  1 
ATOM   31  N  N1     . DC  A 1 2  ? 9.821   4.069   0.879   1.00 11.79 ? 2   DC  A N1     1 
ATOM   32  C  C2     . DC  A 1 2  ? 10.004  3.430   -0.352  1.00 12.23 ? 2   DC  A C2     1 
ATOM   33  O  O2     . DC  A 1 2  ? 10.344  4.100   -1.337  1.00 12.28 ? 2   DC  A O2     1 
ATOM   34  N  N3     . DC  A 1 2  ? 9.809   2.090   -0.429  1.00 11.63 ? 2   DC  A N3     1 
ATOM   35  C  C4     . DC  A 1 2  ? 9.446   1.402   0.658   1.00 15.26 ? 2   DC  A C4     1 
ATOM   36  N  N4     . DC  A 1 2  ? 9.262   0.084   0.531   1.00 14.32 ? 2   DC  A N4     1 
ATOM   37  C  C5     . DC  A 1 2  ? 9.253   2.037   1.921   1.00 11.73 ? 2   DC  A C5     1 
ATOM   38  C  C6     . DC  A 1 2  ? 9.450   3.356   1.985   1.00 12.91 ? 2   DC  A C6     1 
ATOM   39  P  P      . DG  A 1 3  ? 5.640   7.609   0.780   1.00 15.36 ? 3   DG  A P      1 
ATOM   40  O  OP1    . DG  A 1 3  ? 5.019   8.945   0.927   1.00 16.01 ? 3   DG  A OP1    1 
ATOM   41  O  OP2    . DG  A 1 3  ? 5.032   6.409   1.399   1.00 15.45 ? 3   DG  A OP2    1 
ATOM   42  O  "O5'"  . DG  A 1 3  ? 5.809   7.324   -0.781  1.00 13.59 ? 3   DG  A "O5'"  1 
ATOM   43  C  "C5'"  . DG  A 1 3  ? 6.523   8.239   -1.593  1.00 13.99 ? 3   DG  A "C5'"  1 
ATOM   44  C  "C4'"  . DG  A 1 3  ? 6.812   7.625   -2.945  1.00 15.69 ? 3   DG  A "C4'"  1 
ATOM   45  O  "O4'"  . DG  A 1 3  ? 7.615   6.440   -2.765  1.00 12.53 ? 3   DG  A "O4'"  1 
ATOM   46  C  "C3'"  . DG  A 1 3  ? 5.581   7.153   -3.699  1.00 11.88 ? 3   DG  A "C3'"  1 
ATOM   47  O  "O3'"  . DG  A 1 3  ? 5.046   8.223   -4.467  1.00 13.38 ? 3   DG  A "O3'"  1 
ATOM   48  C  "C2'"  . DG  A 1 3  ? 6.144   6.055   -4.598  1.00 13.92 ? 3   DG  A "C2'"  1 
ATOM   49  C  "C1'"  . DG  A 1 3  ? 7.289   5.486   -3.761  1.00 12.31 ? 3   DG  A "C1'"  1 
ATOM   50  N  N9     . DG  A 1 3  ? 6.977   4.214   -3.113  1.00 11.69 ? 3   DG  A N9     1 
ATOM   51  C  C8     . DG  A 1 3  ? 6.820   3.977   -1.766  1.00 13.36 ? 3   DG  A C8     1 
ATOM   52  N  N7     . DG  A 1 3  ? 6.560   2.728   -1.487  1.00 12.56 ? 3   DG  A N7     1 
ATOM   53  C  C5     . DG  A 1 3  ? 6.548   2.099   -2.726  1.00 12.33 ? 3   DG  A C5     1 
ATOM   54  C  C6     . DG  A 1 3  ? 6.319   0.744   -3.062  1.00 11.74 ? 3   DG  A C6     1 
ATOM   55  O  O6     . DG  A 1 3  ? 6.078   -0.207  -2.305  1.00 14.02 ? 3   DG  A O6     1 
ATOM   56  N  N1     . DG  A 1 3  ? 6.397   0.534   -4.437  1.00 11.56 ? 3   DG  A N1     1 
ATOM   57  C  C2     . DG  A 1 3  ? 6.659   1.509   -5.369  1.00 13.35 ? 3   DG  A C2     1 
ATOM   58  N  N2     . DG  A 1 3  ? 6.690   1.115   -6.652  1.00 11.30 ? 3   DG  A N2     1 
ATOM   59  N  N3     . DG  A 1 3  ? 6.876   2.780   -5.069  1.00 11.42 ? 3   DG  A N3     1 
ATOM   60  C  C4     . DG  A 1 3  ? 6.805   3.001   -3.734  1.00 10.82 ? 3   DG  A C4     1 
ATOM   61  P  P      . DT  A 1 4  ? 3.538   8.151   -5.010  1.00 16.11 ? 4   DT  A P      1 
ATOM   62  O  OP1    . DT  A 1 4  ? 3.209   9.449   -5.638  1.00 16.14 ? 4   DT  A OP1    1 
ATOM   63  O  OP2    . DT  A 1 4  ? 2.684   7.618   -3.928  1.00 13.22 ? 4   DT  A OP2    1 
ATOM   64  O  "O5'"  . DT  A 1 4  ? 3.586   7.026   -6.142  1.00 12.65 ? 4   DT  A "O5'"  1 
ATOM   65  C  "C5'"  . DT  A 1 4  ? 4.206   7.283   -7.392  1.00 15.75 ? 4   DT  A "C5'"  1 
ATOM   66  C  "C4'"  . DT  A 1 4  ? 3.839   6.192   -8.375  1.00 11.69 ? 4   DT  A "C4'"  1 
ATOM   67  O  "O4'"  . DT  A 1 4  ? 4.543   4.983   -8.019  1.00 11.42 ? 4   DT  A "O4'"  1 
ATOM   68  C  "C3'"  . DT  A 1 4  ? 2.372   5.811   -8.350  1.00 13.27 ? 4   DT  A "C3'"  1 
ATOM   69  O  "O3'"  . DT  A 1 4  ? 1.637   6.638   -9.242  1.00 12.16 ? 4   DT  A "O3'"  1 
ATOM   70  C  "C2'"  . DT  A 1 4  ? 2.393   4.357   -8.810  1.00 13.51 ? 4   DT  A "C2'"  1 
ATOM   71  C  "C1'"  . DT  A 1 4  ? 3.714   3.854   -8.225  1.00 12.82 ? 4   DT  A "C1'"  1 
ATOM   72  N  N1     . DT  A 1 4  ? 3.574   3.112   -6.927  1.00 11.52 ? 4   DT  A N1     1 
ATOM   73  C  C2     . DT  A 1 4  ? 3.456   1.743   -6.950  1.00 11.11 ? 4   DT  A C2     1 
ATOM   74  O  O2     . DT  A 1 4  ? 3.446   1.091   -7.979  1.00 11.99 ? 4   DT  A O2     1 
ATOM   75  N  N3     . DT  A 1 4  ? 3.345   1.154   -5.718  1.00 9.85  ? 4   DT  A N3     1 
ATOM   76  C  C4     . DT  A 1 4  ? 3.343   1.784   -4.487  1.00 10.56 ? 4   DT  A C4     1 
ATOM   77  O  O4     . DT  A 1 4  ? 3.238   1.163   -3.434  1.00 7.23  ? 4   DT  A O4     1 
ATOM   78  C  C5     . DT  A 1 4  ? 3.471   3.223   -4.529  1.00 11.89 ? 4   DT  A C5     1 
ATOM   79  C  C7     . DT  A 1 4  ? 3.479   4.017   -3.255  1.00 7.25  ? 4   DT  A C7     1 
ATOM   80  C  C6     . DT  A 1 4  ? 3.582   3.812   -5.734  1.00 12.63 ? 4   DT  A C6     1 
ATOM   81  P  P      . DA  A 1 5  ? 0.088   6.942   -8.950  1.00 13.54 ? 5   DA  A P      1 
ATOM   82  O  OP1    . DA  A 1 5  ? -0.398  7.853   -10.012 1.00 15.81 ? 5   DA  A OP1    1 
ATOM   83  O  OP2    . DA  A 1 5  ? -0.046  7.343   -7.529  1.00 16.11 ? 5   DA  A OP2    1 
ATOM   84  O  "O5'"  . DA  A 1 5  ? -0.606  5.519   -9.147  1.00 11.89 ? 5   DA  A "O5'"  1 
ATOM   85  C  "C5'"  . DA  A 1 5  ? -1.504  5.012   -8.176  1.00 13.94 ? 5   DA  A "C5'"  1 
ATOM   86  C  "C4'"  . DA  A 1 5  ? -1.753  3.540   -8.427  1.00 13.17 ? 5   DA  A "C4'"  1 
ATOM   87  O  "O4'"  . DA  A 1 5  ? -0.595  2.777   -8.006  1.00 13.39 ? 5   DA  A "O4'"  1 
ATOM   88  C  "C3'"  . DA  A 1 5  ? -2.910  2.934   -7.659  1.00 12.55 ? 5   DA  A "C3'"  1 
ATOM   89  O  "O3'"  . DA  A 1 5  ? -4.131  3.174   -8.354  1.00 12.00 ? 5   DA  A "O3'"  1 
ATOM   90  C  "C2'"  . DA  A 1 5  ? -2.539  1.455   -7.668  1.00 13.52 ? 5   DA  A "C2'"  1 
ATOM   91  C  "C1'"  . DA  A 1 5  ? -1.013  1.507   -7.531  1.00 13.32 ? 5   DA  A "C1'"  1 
ATOM   92  N  N9     . DA  A 1 5  ? -0.548  1.346   -6.158  1.00 9.47  ? 5   DA  A N9     1 
ATOM   93  C  C8     . DA  A 1 5  ? -0.097  2.324   -5.314  1.00 13.30 ? 5   DA  A C8     1 
ATOM   94  N  N7     . DA  A 1 5  ? 0.256   1.880   -4.128  1.00 9.06  ? 5   DA  A N7     1 
ATOM   95  C  C5     . DA  A 1 5  ? 0.022   0.517   -4.200  1.00 9.37  ? 5   DA  A C5     1 
ATOM   96  C  C6     . DA  A 1 5  ? 0.189   -0.525  -3.266  1.00 11.43 ? 5   DA  A C6     1 
ATOM   97  N  N6     . DA  A 1 5  ? 0.664   -0.336  -2.026  1.00 8.87  ? 5   DA  A N6     1 
ATOM   98  N  N1     . DA  A 1 5  ? -0.147  -1.775  -3.656  1.00 10.56 ? 5   DA  A N1     1 
ATOM   99  C  C2     . DA  A 1 5  ? -0.616  -1.963  -4.899  1.00 10.32 ? 5   DA  A C2     1 
ATOM   100 N  N3     . DA  A 1 5  ? -0.817  -1.064  -5.861  1.00 10.85 ? 5   DA  A N3     1 
ATOM   101 C  C4     . DA  A 1 5  ? -0.477  0.169   -5.442  1.00 10.74 ? 5   DA  A C4     1 
HETATM 102 C  C2     . LR6 A 1 6  ? -4.416  -2.150  -4.303  1.00 11.65 ? 6   LR6 A C2     1 
HETATM 103 C  C4     . LR6 A 1 6  ? -3.352  -0.552  -2.976  1.00 11.57 ? 6   LR6 A C4     1 
HETATM 104 C  C5     . LR6 A 1 6  ? -3.757  0.498   -3.943  1.00 11.90 ? 6   LR6 A C5     1 
HETATM 105 C  C6     . LR6 A 1 6  ? -4.484  0.114   -5.059  1.00 11.90 ? 6   LR6 A C6     1 
HETATM 106 N  N1     . LR6 A 1 6  ? -4.816  -1.176  -5.241  1.00 13.76 ? 6   LR6 A N1     1 
HETATM 107 N  N3     . LR6 A 1 6  ? -3.706  -1.821  -3.211  1.00 12.66 ? 6   LR6 A N3     1 
HETATM 108 C  CD     . LR6 A 1 6  ? -8.205  -3.375  -7.421  1.00 16.92 ? 6   LR6 A CD     1 
HETATM 109 C  "C1'"  . LR6 A 1 6  ? -5.585  -1.602  -6.423  1.00 15.11 ? 6   LR6 A "C1'"  1 
HETATM 110 C  "C2'"  . LR6 A 1 6  ? -7.086  -1.635  -6.169  1.00 14.09 ? 6   LR6 A "C2'"  1 
HETATM 111 C  "C3'"  . LR6 A 1 6  ? -7.462  -0.198  -6.365  1.00 11.02 ? 6   LR6 A "C3'"  1 
HETATM 112 C  "C4'"  . LR6 A 1 6  ? -6.756  -0.101  -7.691  1.00 14.51 ? 6   LR6 A "C4'"  1 
HETATM 113 C  "C5'"  . LR6 A 1 6  ? -6.694  1.304   -8.264  1.00 14.27 ? 6   LR6 A "C5'"  1 
HETATM 114 C  C5M    . LR6 A 1 6  ? -3.386  1.944   -3.722  1.00 11.39 ? 6   LR6 A C5M    1 
HETATM 115 C  "C6'"  . LR6 A 1 6  ? -7.481  -1.175  -8.478  1.00 14.23 ? 6   LR6 A "C6'"  1 
HETATM 116 C  "C7'"  . LR6 A 1 6  ? -7.745  -5.738  -6.879  1.00 21.90 ? 6   LR6 A "C7'"  1 
HETATM 117 C  "C8'"  . LR6 A 1 6  ? -10.149 -3.906  -8.974  1.00 19.33 ? 6   LR6 A "C8'"  1 
HETATM 118 C  "C9'"  . LR6 A 1 6  ? -11.556 -4.377  -8.633  1.00 20.90 ? 6   LR6 A "C9'"  1 
HETATM 119 N  "N2'"  . LR6 A 1 6  ? -7.646  -2.167  -7.412  1.00 14.89 ? 6   LR6 A "N2'"  1 
HETATM 120 N  "N3'"  . LR6 A 1 6  ? -7.470  -4.322  -7.023  1.00 19.74 ? 6   LR6 A "N3'"  1 
HETATM 121 N  "N4'"  . LR6 A 1 6  ? -9.498  -3.552  -7.713  1.00 20.09 ? 6   LR6 A "N4'"  1 
HETATM 122 O  O2     . LR6 A 1 6  ? -4.730  -3.345  -4.503  1.00 12.99 ? 6   LR6 A O2     1 
HETATM 123 O  "O3'"  . LR6 A 1 6  ? -8.871  -0.063  -6.515  1.00 11.69 ? 6   LR6 A "O3'"  1 
HETATM 124 O  O4     . LR6 A 1 6  ? -2.693  -0.255  -1.957  1.00 12.75 ? 6   LR6 A O4     1 
HETATM 125 O  "O4'"  . LR6 A 1 6  ? -5.445  -0.603  -7.431  1.00 10.94 ? 6   LR6 A "O4'"  1 
HETATM 126 O  "O5'"  . LR6 A 1 6  ? -6.134  2.103   -7.226  1.00 14.15 ? 6   LR6 A "O5'"  1 
HETATM 127 O  OP1    . LR6 A 1 6  ? -6.401  4.326   -8.425  1.00 19.09 ? 6   LR6 A OP1    1 
HETATM 128 O  OP2    . LR6 A 1 6  ? -5.146  4.235   -6.248  1.00 10.93 ? 6   LR6 A OP2    1 
HETATM 129 P  P      . LR6 A 1 6  ? -5.471  3.529   -7.543  1.00 15.49 ? 6   LR6 A P      1 
HETATM 130 C  "C10'" . LR6 A 1 6  ? -10.255 -2.709  -9.903  1.00 25.11 ? 6   LR6 A "C10'" 1 
HETATM 131 C  "C11'" . LR6 A 1 6  ? -9.440  -5.028  -9.722  1.00 14.90 ? 6   LR6 A "C11'" 1 
ATOM   132 P  P      . DA  A 1 7  ? -9.763  0.453   -5.284  1.00 11.76 ? 7   DA  A P      1 
ATOM   133 O  OP1    . DA  A 1 7  ? -11.108 0.788   -5.816  1.00 13.40 ? 7   DA  A OP1    1 
ATOM   134 O  OP2    . DA  A 1 7  ? -8.975  1.470   -4.559  1.00 13.99 ? 7   DA  A OP2    1 
ATOM   135 O  "O5'"  . DA  A 1 7  ? -9.882  -0.824  -4.328  1.00 14.65 ? 7   DA  A "O5'"  1 
ATOM   136 C  "C5'"  . DA  A 1 7  ? -10.517 -2.005  -4.792  1.00 14.08 ? 7   DA  A "C5'"  1 
ATOM   137 C  "C4'"  . DA  A 1 7  ? -10.229 -3.174  -3.864  1.00 13.92 ? 7   DA  A "C4'"  1 
ATOM   138 O  "O4'"  . DA  A 1 7  ? -8.804  -3.455  -3.856  1.00 14.46 ? 7   DA  A "O4'"  1 
ATOM   139 C  "C3'"  . DA  A 1 7  ? -10.563 -2.947  -2.401  1.00 12.50 ? 7   DA  A "C3'"  1 
ATOM   140 O  "O3'"  . DA  A 1 7  ? -11.952 -3.162  -2.154  1.00 14.64 ? 7   DA  A "O3'"  1 
ATOM   141 C  "C2'"  . DA  A 1 7  ? -9.700  -4.014  -1.746  1.00 10.14 ? 7   DA  A "C2'"  1 
ATOM   142 C  "C1'"  . DA  A 1 7  ? -8.412  -3.862  -2.549  1.00 14.17 ? 7   DA  A "C1'"  1 
ATOM   143 N  N9     . DA  A 1 7  ? -7.518  -2.855  -1.983  1.00 10.78 ? 7   DA  A N9     1 
ATOM   144 C  C8     . DA  A 1 7  ? -7.265  -1.601  -2.468  1.00 12.93 ? 7   DA  A C8     1 
ATOM   145 N  N7     . DA  A 1 7  ? -6.427  -0.908  -1.731  1.00 11.65 ? 7   DA  A N7     1 
ATOM   146 C  C5     . DA  A 1 7  ? -6.121  -1.761  -0.681  1.00 10.73 ? 7   DA  A C5     1 
ATOM   147 C  C6     . DA  A 1 7  ? -5.285  -1.624  0.450   1.00 11.89 ? 7   DA  A C6     1 
ATOM   148 N  N6     . DA  A 1 7  ? -4.577  -0.522  0.716   1.00 10.94 ? 7   DA  A N6     1 
ATOM   149 N  N1     . DA  A 1 7  ? -5.205  -2.669  1.300   1.00 10.48 ? 7   DA  A N1     1 
ATOM   150 C  C2     . DA  A 1 7  ? -5.918  -3.771  1.036   1.00 12.04 ? 7   DA  A C2     1 
ATOM   151 N  N3     . DA  A 1 7  ? -6.731  -4.018  0.008   1.00 11.66 ? 7   DA  A N3     1 
ATOM   152 C  C4     . DA  A 1 7  ? -6.789  -2.963  -0.820  1.00 12.25 ? 7   DA  A C4     1 
ATOM   153 P  P      . DC  A 1 8  ? -12.686 -2.350  -0.975  1.00 14.75 ? 8   DC  A P      1 
ATOM   154 O  OP1    . DC  A 1 8  ? -14.119 -2.713  -0.998  1.00 16.61 ? 8   DC  A OP1    1 
ATOM   155 O  OP2    . DC  A 1 8  ? -12.275 -0.930  -1.058  1.00 15.60 ? 8   DC  A OP2    1 
ATOM   156 O  "O5'"  . DC  A 1 8  ? -12.032 -2.940  0.358   1.00 14.71 ? 8   DC  A "O5'"  1 
ATOM   157 C  "C5'"  . DC  A 1 8  ? -12.257 -4.288  0.721   1.00 11.98 ? 8   DC  A "C5'"  1 
ATOM   158 C  "C4'"  . DC  A 1 8  ? -11.411 -4.663  1.921   1.00 12.41 ? 8   DC  A "C4'"  1 
ATOM   159 O  "O4'"  . DC  A 1 8  ? -10.012 -4.444  1.618   1.00 10.54 ? 8   DC  A "O4'"  1 
ATOM   160 C  "C3'"  . DC  A 1 8  ? -11.646 -3.822  3.162   1.00 13.05 ? 8   DC  A "C3'"  1 
ATOM   161 O  "O3'"  . DC  A 1 8  ? -12.784 -4.283  3.873   1.00 17.12 ? 8   DC  A "O3'"  1 
ATOM   162 C  "C2'"  . DC  A 1 8  ? -10.360 -4.081  3.930   1.00 11.97 ? 8   DC  A "C2'"  1 
ATOM   163 C  "C1'"  . DC  A 1 8  ? -9.333  -4.034  2.800   1.00 11.82 ? 8   DC  A "C1'"  1 
ATOM   164 N  N1     . DC  A 1 8  ? -8.764  -2.669  2.593   1.00 12.68 ? 8   DC  A N1     1 
ATOM   165 C  C2     . DC  A 1 8  ? -7.766  -2.207  3.455   1.00 12.39 ? 8   DC  A C2     1 
ATOM   166 O  O2     . DC  A 1 8  ? -7.361  -2.951  4.358   1.00 14.71 ? 8   DC  A O2     1 
ATOM   167 N  N3     . DC  A 1 8  ? -7.265  -0.962  3.273   1.00 10.67 ? 8   DC  A N3     1 
ATOM   168 C  C4     . DC  A 1 8  ? -7.727  -0.194  2.285   1.00 11.55 ? 8   DC  A C4     1 
ATOM   169 N  N4     . DC  A 1 8  ? -7.199  1.027   2.146   1.00 13.56 ? 8   DC  A N4     1 
ATOM   170 C  C5     . DC  A 1 8  ? -8.752  -0.640  1.402   1.00 12.27 ? 8   DC  A C5     1 
ATOM   171 C  C6     . DC  A 1 8  ? -9.239  -1.872  1.591   1.00 13.82 ? 8   DC  A C6     1 
ATOM   172 P  P      . DG  A 1 9  ? -13.577 -3.278  4.846   1.00 16.68 ? 9   DG  A P      1 
ATOM   173 O  OP1    . DG  A 1 9  ? -14.799 -3.980  5.296   1.00 21.93 ? 9   DG  A OP1    1 
ATOM   174 O  OP2    . DG  A 1 9  ? -13.663 -1.957  4.187   1.00 19.90 ? 9   DG  A OP2    1 
ATOM   175 O  "O5'"  . DG  A 1 9  ? -12.587 -3.076  6.089   1.00 13.20 ? 9   DG  A "O5'"  1 
ATOM   176 C  "C5'"  . DG  A 1 9  ? -12.298 -4.159  6.958   1.00 14.77 ? 9   DG  A "C5'"  1 
ATOM   177 C  "C4'"  . DG  A 1 9  ? -11.326 -3.726  8.042   1.00 16.52 ? 9   DG  A "C4'"  1 
ATOM   178 O  "O4'"  . DG  A 1 9  ? -10.061 -3.368  7.440   1.00 15.35 ? 9   DG  A "O4'"  1 
ATOM   179 C  "C3'"  . DG  A 1 9  ? -11.730 -2.479  8.811   1.00 16.66 ? 9   DG  A "C3'"  1 
ATOM   180 O  "O3'"  . DG  A 1 9  ? -12.649 -2.807  9.849   1.00 14.86 ? 9   DG  A "O3'"  1 
ATOM   181 C  "C2'"  . DG  A 1 9  ? -10.387 -2.029  9.373   1.00 17.64 ? 9   DG  A "C2'"  1 
ATOM   182 C  "C1'"  . DG  A 1 9  ? -9.439  -2.352  8.219   1.00 16.03 ? 9   DG  A "C1'"  1 
ATOM   183 N  N9     . DG  A 1 9  ? -9.149  -1.200  7.367   1.00 13.34 ? 9   DG  A N9     1 
ATOM   184 C  C8     . DG  A 1 9  ? -9.691  -0.919  6.136   1.00 15.42 ? 9   DG  A C8     1 
ATOM   185 N  N7     . DG  A 1 9  ? -9.240  0.188   5.609   1.00 15.43 ? 9   DG  A N7     1 
ATOM   186 C  C5     . DG  A 1 9  ? -8.344  0.673   6.554   1.00 14.77 ? 9   DG  A C5     1 
ATOM   187 C  C6     . DG  A 1 9  ? -7.543  1.842   6.538   1.00 13.86 ? 9   DG  A C6     1 
ATOM   188 O  O6     . DG  A 1 9  ? -7.467  2.709   5.657   1.00 12.17 ? 9   DG  A O6     1 
ATOM   189 N  N1     . DG  A 1 9  ? -6.775  1.959   7.696   1.00 12.92 ? 9   DG  A N1     1 
ATOM   190 C  C2     . DG  A 1 9  ? -6.779  1.059   8.734   1.00 12.00 ? 9   DG  A C2     1 
ATOM   191 N  N2     . DG  A 1 9  ? -5.974  1.342   9.767   1.00 12.29 ? 9   DG  A N2     1 
ATOM   192 N  N3     . DG  A 1 9  ? -7.523  -0.041  8.763   1.00 14.87 ? 9   DG  A N3     1 
ATOM   193 C  C4     . DG  A 1 9  ? -8.280  -0.168  7.642   1.00 14.06 ? 9   DG  A C4     1 
ATOM   194 P  P      . DC  A 1 10 ? -13.581 -1.661  10.483  1.00 14.72 ? 10  DC  A P      1 
ATOM   195 O  OP1    . DC  A 1 10 ? -14.417 -2.288  11.534  1.00 13.98 ? 10  DC  A OP1    1 
ATOM   196 O  OP2    . DC  A 1 10 ? -14.220 -0.930  9.367   1.00 14.68 ? 10  DC  A OP2    1 
ATOM   197 O  "O5'"  . DC  A 1 10 ? -12.543 -0.666  11.190  1.00 12.99 ? 10  DC  A "O5'"  1 
ATOM   198 C  "C5'"  . DC  A 1 10 ? -11.918 -1.044  12.405  1.00 16.11 ? 10  DC  A "C5'"  1 
ATOM   199 C  "C4'"  . DC  A 1 10 ? -10.927 0.014   12.867  1.00 15.43 ? 10  DC  A "C4'"  1 
ATOM   200 O  "O4'"  . DC  A 1 10 ? -9.955  0.265   11.826  1.00 13.27 ? 10  DC  A "O4'"  1 
ATOM   201 C  "C3'"  . DC  A 1 10 ? -11.519 1.377   13.163  1.00 12.44 ? 10  DC  A "C3'"  1 
ATOM   202 O  "O3'"  . DC  A 1 10 ? -12.080 1.400   14.473  1.00 13.32 ? 10  DC  A "O3'"  1 
ATOM   203 C  "C2'"  . DC  A 1 10 ? -10.282 2.265   13.071  1.00 11.11 ? 10  DC  A "C2'"  1 
ATOM   204 C  "C1'"  . DC  A 1 10 ? -9.497  1.602   11.929  1.00 13.90 ? 10  DC  A "C1'"  1 
ATOM   205 N  N1     . DC  A 1 10 ? -9.690  2.276   10.620  1.00 13.16 ? 10  DC  A N1     1 
ATOM   206 C  C2     . DC  A 1 10 ? -8.971  3.444   10.333  1.00 14.62 ? 10  DC  A C2     1 
ATOM   207 O  O2     . DC  A 1 10 ? -8.179  3.887   11.175  1.00 11.27 ? 10  DC  A O2     1 
ATOM   208 N  N3     . DC  A 1 10 ? -9.160  4.056   9.139   1.00 12.43 ? 10  DC  A N3     1 
ATOM   209 C  C4     . DC  A 1 10 ? -10.023 3.549   8.257   1.00 15.03 ? 10  DC  A C4     1 
ATOM   210 N  N4     . DC  A 1 10 ? -10.174 4.191   7.092   1.00 10.12 ? 10  DC  A N4     1 
ATOM   211 C  C5     . DC  A 1 10 ? -10.768 2.360   8.529   1.00 13.22 ? 10  DC  A C5     1 
ATOM   212 C  C6     . DC  A 1 10 ? -10.573 1.764   9.714   1.00 14.58 ? 10  DC  A C6     1 
ATOM   213 O  "O5'"  . DG  B 1 1  ? -2.621  13.851  8.011   1.00 28.75 ? 11  DG  B "O5'"  1 
ATOM   214 C  "C5'"  . DG  B 1 1  ? -2.121  12.690  7.354   1.00 31.22 ? 11  DG  B "C5'"  1 
ATOM   215 C  "C4'"  . DG  B 1 1  ? -2.427  11.451  8.168   1.00 23.85 ? 11  DG  B "C4'"  1 
ATOM   216 O  "O4'"  . DG  B 1 1  ? -3.832  11.161  8.094   1.00 23.08 ? 11  DG  B "O4'"  1 
ATOM   217 C  "C3'"  . DG  B 1 1  ? -1.779  10.169  7.683   1.00 23.93 ? 11  DG  B "C3'"  1 
ATOM   218 O  "O3'"  . DG  B 1 1  ? -0.460  10.050  8.195   1.00 22.04 ? 11  DG  B "O3'"  1 
ATOM   219 C  "C2'"  . DG  B 1 1  ? -2.689  9.100   8.288   1.00 24.74 ? 11  DG  B "C2'"  1 
ATOM   220 C  "C1'"  . DG  B 1 1  ? -4.013  9.833   8.521   1.00 22.81 ? 11  DG  B "C1'"  1 
ATOM   221 N  N9     . DG  B 1 1  ? -5.128  9.226   7.803   1.00 23.28 ? 11  DG  B N9     1 
ATOM   222 C  C8     . DG  B 1 1  ? -5.639  9.583   6.577   1.00 22.87 ? 11  DG  B C8     1 
ATOM   223 N  N7     . DG  B 1 1  ? -6.633  8.826   6.192   1.00 22.87 ? 11  DG  B N7     1 
ATOM   224 C  C5     . DG  B 1 1  ? -6.780  7.906   7.226   1.00 19.91 ? 11  DG  B C5     1 
ATOM   225 C  C6     . DG  B 1 1  ? -7.694  6.835   7.376   1.00 16.80 ? 11  DG  B C6     1 
ATOM   226 O  O6     . DG  B 1 1  ? -8.589  6.472   6.598   1.00 16.38 ? 11  DG  B O6     1 
ATOM   227 N  N1     . DG  B 1 1  ? -7.493  6.152   8.574   1.00 16.05 ? 11  DG  B N1     1 
ATOM   228 C  C2     . DG  B 1 1  ? -6.533  6.466   9.508   1.00 18.82 ? 11  DG  B C2     1 
ATOM   229 N  N2     . DG  B 1 1  ? -6.493  5.695   10.606  1.00 16.69 ? 11  DG  B N2     1 
ATOM   230 N  N3     . DG  B 1 1  ? -5.674  7.464   9.379   1.00 20.97 ? 11  DG  B N3     1 
ATOM   231 C  C4     . DG  B 1 1  ? -5.856  8.138   8.217   1.00 20.68 ? 11  DG  B C4     1 
ATOM   232 P  P      . DC  B 1 2  ? 0.455   8.788   7.787   1.00 21.42 ? 12  DC  B P      1 
ATOM   233 O  OP1    . DC  B 1 2  ? 1.858   9.112   8.123   1.00 25.07 ? 12  DC  B OP1    1 
ATOM   234 O  OP2    . DC  B 1 2  ? 0.079   8.391   6.409   1.00 27.44 ? 12  DC  B OP2    1 
ATOM   235 O  "O5'"  . DC  B 1 2  ? -0.034  7.609   8.748   1.00 16.02 ? 12  DC  B "O5'"  1 
ATOM   236 C  "C5'"  . DC  B 1 2  ? -0.018  7.777   10.156  1.00 16.12 ? 12  DC  B "C5'"  1 
ATOM   237 C  "C4'"  . DC  B 1 2  ? -0.621  6.563   10.833  1.00 14.53 ? 12  DC  B "C4'"  1 
ATOM   238 O  "O4'"  . DC  B 1 2  ? -2.045  6.528   10.585  1.00 13.16 ? 12  DC  B "O4'"  1 
ATOM   239 C  "C3'"  . DC  B 1 2  ? -0.109  5.236   10.312  1.00 14.57 ? 12  DC  B "C3'"  1 
ATOM   240 O  "O3'"  . DC  B 1 2  ? 1.095   4.887   10.984  1.00 13.07 ? 12  DC  B "O3'"  1 
ATOM   241 C  "C2'"  . DC  B 1 2  ? -1.254  4.287   10.658  1.00 14.23 ? 12  DC  B "C2'"  1 
ATOM   242 C  "C1'"  . DC  B 1 2  ? -2.485  5.183   10.493  1.00 14.74 ? 12  DC  B "C1'"  1 
ATOM   243 N  N1     . DC  B 1 2  ? -3.204  5.008   9.191   1.00 14.85 ? 12  DC  B N1     1 
ATOM   244 C  C2     . DC  B 1 2  ? -4.200  4.039   9.072   1.00 14.69 ? 12  DC  B C2     1 
ATOM   245 O  O2     . DC  B 1 2  ? -4.457  3.316   10.042  1.00 11.86 ? 12  DC  B O2     1 
ATOM   246 N  N3     . DC  B 1 2  ? -4.847  3.906   7.885   1.00 12.66 ? 12  DC  B N3     1 
ATOM   247 C  C4     . DC  B 1 2  ? -4.535  4.700   6.858   1.00 15.10 ? 12  DC  B C4     1 
ATOM   248 N  N4     . DC  B 1 2  ? -5.200  4.532   5.710   1.00 16.20 ? 12  DC  B N4     1 
ATOM   249 C  C5     . DC  B 1 2  ? -3.527  5.699   6.964   1.00 16.82 ? 12  DC  B C5     1 
ATOM   250 C  C6     . DC  B 1 2  ? -2.894  5.815   8.136   1.00 15.51 ? 12  DC  B C6     1 
ATOM   251 P  P      . DG  B 1 3  ? 2.062   3.759   10.373  1.00 18.89 ? 13  DG  B P      1 
ATOM   252 O  OP1    . DG  B 1 3  ? 3.295   3.732   11.194  1.00 17.79 ? 13  DG  B OP1    1 
ATOM   253 O  OP2    . DG  B 1 3  ? 2.147   3.949   8.906   1.00 17.73 ? 13  DG  B OP2    1 
ATOM   254 O  "O5'"  . DG  B 1 3  ? 1.263   2.411   10.646  1.00 13.69 ? 13  DG  B "O5'"  1 
ATOM   255 C  "C5'"  . DG  B 1 3  ? 1.108   1.459   9.625   1.00 12.58 ? 13  DG  B "C5'"  1 
ATOM   256 C  "C4'"  . DG  B 1 3  ? 0.020   0.481   10.003  1.00 11.66 ? 13  DG  B "C4'"  1 
ATOM   257 O  "O4'"  . DG  B 1 3  ? -1.264  1.145   9.913   1.00 12.07 ? 13  DG  B "O4'"  1 
ATOM   258 C  "C3'"  . DG  B 1 3  ? -0.087  -0.734  9.107   1.00 11.60 ? 13  DG  B "C3'"  1 
ATOM   259 O  "O3'"  . DG  B 1 3  ? 0.761   -1.761  9.600   1.00 10.72 ? 13  DG  B "O3'"  1 
ATOM   260 C  "C2'"  . DG  B 1 3  ? -1.558  -1.104  9.251   1.00 11.99 ? 13  DG  B "C2'"  1 
ATOM   261 C  "C1'"  . DG  B 1 3  ? -2.216  0.272   9.334   1.00 11.56 ? 13  DG  B "C1'"  1 
ATOM   262 N  N9     . DG  B 1 3  ? -2.610  0.810   8.036   1.00 12.39 ? 13  DG  B N9     1 
ATOM   263 C  C8     . DG  B 1 3  ? -2.105  1.925   7.407   1.00 13.37 ? 13  DG  B C8     1 
ATOM   264 N  N7     . DG  B 1 3  ? -2.660  2.164   6.249   1.00 13.13 ? 13  DG  B N7     1 
ATOM   265 C  C5     . DG  B 1 3  ? -3.589  1.140   6.101   1.00 12.78 ? 13  DG  B C5     1 
ATOM   266 C  C6     . DG  B 1 3  ? -4.494  0.872   5.044   1.00 12.37 ? 13  DG  B C6     1 
ATOM   267 O  O6     . DG  B 1 3  ? -4.658  1.506   3.989   1.00 11.18 ? 13  DG  B O6     1 
ATOM   268 N  N1     . DG  B 1 3  ? -5.261  -0.264  5.300   1.00 10.55 ? 13  DG  B N1     1 
ATOM   269 C  C2     . DG  B 1 3  ? -5.165  -1.040  6.431   1.00 11.47 ? 13  DG  B C2     1 
ATOM   270 N  N2     . DG  B 1 3  ? -5.984  -2.098  6.497   1.00 11.19 ? 13  DG  B N2     1 
ATOM   271 N  N3     . DG  B 1 3  ? -4.324  -0.799  7.427   1.00 8.80  ? 13  DG  B N3     1 
ATOM   272 C  C4     . DG  B 1 3  ? -3.572  0.303   7.196   1.00 11.91 ? 13  DG  B C4     1 
ATOM   273 P  P      . DT  B 1 4  ? 1.469   -2.783  8.589   1.00 11.97 ? 14  DT  B P      1 
ATOM   274 O  OP1    . DT  B 1 4  ? 2.368   -3.648  9.390   1.00 11.68 ? 14  DT  B OP1    1 
ATOM   275 O  OP2    . DT  B 1 4  ? 2.001   -1.985  7.460   1.00 14.18 ? 14  DT  B OP2    1 
ATOM   276 O  "O5'"  . DT  B 1 4  ? 0.266   -3.679  8.040   1.00 10.78 ? 14  DT  B "O5'"  1 
ATOM   277 C  "C5'"  . DT  B 1 4  ? -0.407  -4.562  8.916   1.00 11.91 ? 14  DT  B "C5'"  1 
ATOM   278 C  "C4'"  . DT  B 1 4  ? -1.536  -5.286  8.200   1.00 11.09 ? 14  DT  B "C4'"  1 
ATOM   279 O  "O4'"  . DT  B 1 4  ? -2.595  -4.354  7.865   1.00 13.05 ? 14  DT  B "O4'"  1 
ATOM   280 C  "C3'"  . DT  B 1 4  ? -1.174  -5.906  6.867   1.00 13.63 ? 14  DT  B "C3'"  1 
ATOM   281 O  "O3'"  . DT  B 1 4  ? -0.500  -7.140  7.047   1.00 14.36 ? 14  DT  B "O3'"  1 
ATOM   282 C  "C2'"  . DT  B 1 4  ? -2.560  -6.099  6.269   1.00 13.50 ? 14  DT  B "C2'"  1 
ATOM   283 C  "C1'"  . DT  B 1 4  ? -3.220  -4.778  6.657   1.00 13.31 ? 14  DT  B "C1'"  1 
ATOM   284 N  N1     . DT  B 1 4  ? -3.052  -3.721  5.609   1.00 11.13 ? 14  DT  B N1     1 
ATOM   285 C  C2     . DT  B 1 4  ? -3.861  -3.755  4.500   1.00 10.79 ? 14  DT  B C2     1 
ATOM   286 O  O2     . DT  B 1 4  ? -4.721  -4.599  4.329   1.00 11.32 ? 14  DT  B O2     1 
ATOM   287 N  N3     . DT  B 1 4  ? -3.633  -2.757  3.592   1.00 8.82  ? 14  DT  B N3     1 
ATOM   288 C  C4     . DT  B 1 4  ? -2.688  -1.751  3.675   1.00 12.04 ? 14  DT  B C4     1 
ATOM   289 O  O4     . DT  B 1 4  ? -2.560  -0.896  2.803   1.00 8.77  ? 14  DT  B O4     1 
ATOM   290 C  C5     . DT  B 1 4  ? -1.864  -1.776  4.861   1.00 11.37 ? 14  DT  B C5     1 
ATOM   291 C  C7     . DT  B 1 4  ? -0.802  -0.734  5.059   1.00 10.39 ? 14  DT  B C7     1 
ATOM   292 C  C6     . DT  B 1 4  ? -2.081  -2.748  5.760   1.00 8.88  ? 14  DT  B C6     1 
ATOM   293 P  P      . DA  B 1 5  ? 0.486   -7.680  5.898   1.00 16.45 ? 15  DA  B P      1 
ATOM   294 O  OP1    . DA  B 1 5  ? 1.087   -8.944  6.381   1.00 13.23 ? 15  DA  B OP1    1 
ATOM   295 O  OP2    . DA  B 1 5  ? 1.363   -6.566  5.482   1.00 10.81 ? 15  DA  B OP2    1 
ATOM   296 O  "O5'"  . DA  B 1 5  ? -0.490  -7.990  4.674   1.00 12.20 ? 15  DA  B "O5'"  1 
ATOM   297 C  "C5'"  . DA  B 1 5  ? -1.435  -9.048  4.767   1.00 12.56 ? 15  DA  B "C5'"  1 
ATOM   298 C  "C4'"  . DA  B 1 5  ? -2.355  -9.058  3.562   1.00 11.88 ? 15  DA  B "C4'"  1 
ATOM   299 O  "O4'"  . DA  B 1 5  ? -3.036  -7.787  3.456   1.00 14.10 ? 15  DA  B "O4'"  1 
ATOM   300 C  "C3'"  . DA  B 1 5  ? -1.657  -9.231  2.228   1.00 11.91 ? 15  DA  B "C3'"  1 
ATOM   301 O  "O3'"  . DA  B 1 5  ? -1.454  -10.609 1.974   1.00 16.88 ? 15  DA  B "O3'"  1 
ATOM   302 C  "C2'"  . DA  B 1 5  ? -2.679  -8.635  1.265   1.00 11.40 ? 15  DA  B "C2'"  1 
ATOM   303 C  "C1'"  . DA  B 1 5  ? -3.257  -7.482  2.088   1.00 11.87 ? 15  DA  B "C1'"  1 
ATOM   304 N  N9     . DA  B 1 5  ? -2.649  -6.184  1.788   1.00 12.00 ? 15  DA  B N9     1 
ATOM   305 C  C8     . DA  B 1 5  ? -1.745  -5.497  2.548   1.00 11.31 ? 15  DA  B C8     1 
ATOM   306 N  N7     . DA  B 1 5  ? -1.376  -4.350  2.019   1.00 9.72  ? 15  DA  B N7     1 
ATOM   307 C  C5     . DA  B 1 5  ? -2.089  -4.286  0.833   1.00 9.73  ? 15  DA  B C5     1 
ATOM   308 C  C6     . DA  B 1 5  ? -2.149  -3.318  -0.195  1.00 9.53  ? 15  DA  B C6     1 
ATOM   309 N  N6     . DA  B 1 5  ? -1.442  -2.183  -0.184  1.00 10.20 ? 15  DA  B N6     1 
ATOM   310 N  N1     . DA  B 1 5  ? -2.963  -3.568  -1.241  1.00 10.75 ? 15  DA  B N1     1 
ATOM   311 C  C2     . DA  B 1 5  ? -3.663  -4.708  -1.257  1.00 12.32 ? 15  DA  B C2     1 
ATOM   312 N  N3     . DA  B 1 5  ? -3.692  -5.684  -0.351  1.00 10.17 ? 15  DA  B N3     1 
ATOM   313 C  C4     . DA  B 1 5  ? -2.876  -5.409  0.677   1.00 10.98 ? 15  DA  B C4     1 
HETATM 314 C  C2     . LR6 B 1 6  ? -0.448  -5.169  -2.889  1.00 10.63 ? 16  LR6 B C2     1 
HETATM 315 C  C4     . LR6 B 1 6  ? 0.852   -4.223  -1.230  1.00 13.40 ? 16  LR6 B C4     1 
HETATM 316 C  C5     . LR6 B 1 6  ? 0.810   -5.497  -0.470  1.00 10.80 ? 16  LR6 B C5     1 
HETATM 317 C  C6     . LR6 B 1 6  ? 0.102   -6.554  -1.011  1.00 10.82 ? 16  LR6 B C6     1 
HETATM 318 N  N1     . LR6 B 1 6  ? -0.509  -6.398  -2.193  1.00 11.23 ? 16  LR6 B N1     1 
HETATM 319 N  N3     . LR6 B 1 6  ? 0.221   -4.123  -2.401  1.00 10.79 ? 16  LR6 B N3     1 
HETATM 320 C  CD     . LR6 B 1 6  ? -2.157  -8.797  -5.519  1.00 16.60 ? 16  LR6 B CD     1 
HETATM 321 C  "C1'"  . LR6 B 1 6  ? -1.268  -7.512  -2.768  1.00 10.22 ? 16  LR6 B "C1'"  1 
HETATM 322 C  "C2'"  . LR6 B 1 6  ? -0.474  -8.297  -3.798  1.00 11.80 ? 16  LR6 B "C2'"  1 
HETATM 323 C  "C3'"  . LR6 B 1 6  ? 0.217   -9.326  -2.926  1.00 12.62 ? 16  LR6 B "C3'"  1 
HETATM 324 C  "C4'"  . LR6 B 1 6  ? -1.065  -9.739  -2.242  1.00 13.28 ? 16  LR6 B "C4'"  1 
HETATM 325 C  "C5'"  . LR6 B 1 6  ? -0.961  -10.814 -1.166  1.00 13.76 ? 16  LR6 B "C5'"  1 
HETATM 326 C  C5M    . LR6 B 1 6  ? 1.511   -5.654  0.855   1.00 10.91 ? 16  LR6 B C5M    1 
HETATM 327 C  "C6'"  . LR6 B 1 6  ? -1.948  -10.122 -3.414  1.00 12.03 ? 16  LR6 B "C6'"  1 
HETATM 328 C  "C7'"  . LR6 B 1 6  ? -3.698  -9.998  -7.148  1.00 24.97 ? 16  LR6 B "C7'"  1 
HETATM 329 C  "C8'"  . LR6 B 1 6  ? -2.610  -6.702  -6.967  1.00 15.87 ? 16  LR6 B "C8'"  1 
HETATM 330 C  "C9'"  . LR6 B 1 6  ? -2.408  -7.131  -8.419  1.00 18.64 ? 16  LR6 B "C9'"  1 
HETATM 331 N  "N2'"  . LR6 B 1 6  ? -1.585  -9.064  -4.351  1.00 11.79 ? 16  LR6 B "N2'"  1 
HETATM 332 N  "N3'"  . LR6 B 1 6  ? -2.880  -9.750  -5.969  1.00 14.09 ? 16  LR6 B "N3'"  1 
HETATM 333 N  "N4'"  . LR6 B 1 6  ? -1.878  -7.592  -6.063  1.00 15.93 ? 16  LR6 B "N4'"  1 
HETATM 334 O  O2     . LR6 B 1 6  ? -1.030  -5.043  -3.981  1.00 9.14  ? 16  LR6 B O2     1 
HETATM 335 O  "O3'"  . LR6 B 1 6  ? 0.796   -10.406 -3.661  1.00 15.28 ? 16  LR6 B "O3'"  1 
HETATM 336 O  O4     . LR6 B 1 6  ? 1.470   -3.238  -0.795  1.00 13.85 ? 16  LR6 B O4     1 
HETATM 337 O  "O4'"  . LR6 B 1 6  ? -1.549  -8.484  -1.748  1.00 9.27  ? 16  LR6 B "O4'"  1 
HETATM 338 O  "O5'"  . LR6 B 1 6  ? -0.066  -10.392 -0.145  1.00 16.00 ? 16  LR6 B "O5'"  1 
HETATM 339 O  OP1    . LR6 B 1 6  ? -0.209  -12.618 1.098   1.00 16.71 ? 16  LR6 B OP1    1 
HETATM 340 O  OP2    . LR6 B 1 6  ? 1.098   -10.710 2.110   1.00 14.44 ? 16  LR6 B OP2    1 
HETATM 341 P  P      . LR6 B 1 6  ? -0.098  -11.123 1.286   1.00 17.16 ? 16  LR6 B P      1 
HETATM 342 C  "C10'" . LR6 B 1 6  ? -4.090  -6.631  -6.597  1.00 15.83 ? 16  LR6 B "C10'" 1 
HETATM 343 C  "C11'" . LR6 B 1 6  ? -2.022  -5.301  -6.853  1.00 14.20 ? 16  LR6 B "C11'" 1 
ATOM   344 P  P      . DA  B 1 7  ? 2.371   -10.413 -4.002  1.00 18.12 ? 17  DA  B P      1 
ATOM   345 O  OP1    . DA  B 1 7  ? 2.708   -11.784 -4.456  1.00 26.77 ? 17  DA  B OP1    1 
ATOM   346 O  OP2    . DA  B 1 7  ? 3.119   -9.810  -2.878  1.00 14.81 ? 17  DA  B OP2    1 
ATOM   347 O  "O5'"  . DA  B 1 7  ? 2.477   -9.433  -5.258  1.00 16.28 ? 17  DA  B "O5'"  1 
ATOM   348 C  "C5'"  . DA  B 1 7  ? 1.772   -9.743  -6.447  1.00 16.34 ? 17  DA  B "C5'"  1 
ATOM   349 C  "C4'"  . DA  B 1 7  ? 1.851   -8.601  -7.440  1.00 16.18 ? 17  DA  B "C4'"  1 
ATOM   350 O  "O4'"  . DA  B 1 7  ? 1.141   -7.456  -6.919  1.00 14.98 ? 17  DA  B "O4'"  1 
ATOM   351 C  "C3'"  . DA  B 1 7  ? 3.250   -8.081  -7.717  1.00 18.43 ? 17  DA  B "C3'"  1 
ATOM   352 O  "O3'"  . DA  B 1 7  ? 3.886   -8.883  -8.701  1.00 26.49 ? 17  DA  B "O3'"  1 
ATOM   353 C  "C2'"  . DA  B 1 7  ? 2.952   -6.685  -8.247  1.00 17.44 ? 17  DA  B "C2'"  1 
ATOM   354 C  "C1'"  . DA  B 1 7  ? 1.771   -6.266  -7.372  1.00 16.27 ? 17  DA  B "C1'"  1 
ATOM   355 N  N9     . DA  B 1 7  ? 2.164   -5.473  -6.212  1.00 12.05 ? 17  DA  B N9     1 
ATOM   356 C  C8     . DA  B 1 7  ? 2.483   -5.932  -4.962  1.00 12.06 ? 17  DA  B C8     1 
ATOM   357 N  N7     . DA  B 1 7  ? 2.806   -4.981  -4.117  1.00 12.01 ? 17  DA  B N7     1 
ATOM   358 C  C5     . DA  B 1 7  ? 2.694   -3.820  -4.868  1.00 12.04 ? 17  DA  B C5     1 
ATOM   359 C  C6     . DA  B 1 7  ? 2.899   -2.462  -4.557  1.00 12.86 ? 17  DA  B C6     1 
ATOM   360 N  N6     . DA  B 1 7  ? 3.275   -2.030  -3.351  1.00 10.85 ? 17  DA  B N6     1 
ATOM   361 N  N1     . DA  B 1 7  ? 2.697   -1.559  -5.539  1.00 12.84 ? 17  DA  B N1     1 
ATOM   362 C  C2     . DA  B 1 7  ? 2.316   -1.988  -6.744  1.00 10.89 ? 17  DA  B C2     1 
ATOM   363 N  N3     . DA  B 1 7  ? 2.093   -3.234  -7.156  1.00 11.43 ? 17  DA  B N3     1 
ATOM   364 C  C4     . DA  B 1 7  ? 2.299   -4.109  -6.160  1.00 13.65 ? 17  DA  B C4     1 
ATOM   365 P  P      . DC  B 1 8  ? 5.483   -9.062  -8.691  1.00 27.50 ? 18  DC  B P      1 
ATOM   366 O  OP1    . DC  B 1 8  ? 5.821   -9.937  -9.835  1.00 22.11 ? 18  DC  B OP1    1 
ATOM   367 O  OP2    . DC  B 1 8  ? 5.908   -9.426  -7.322  1.00 24.43 ? 18  DC  B OP2    1 
ATOM   368 O  "O5'"  . DC  B 1 8  ? 6.045   -7.588  -8.955  1.00 21.77 ? 18  DC  B "O5'"  1 
ATOM   369 C  "C5'"  . DC  B 1 8  ? 5.976   -7.031  -10.249 1.00 20.87 ? 18  DC  B "C5'"  1 
ATOM   370 C  "C4'"  . DC  B 1 8  ? 6.259   -5.540  -10.217 1.00 21.22 ? 18  DC  B "C4'"  1 
ATOM   371 O  "O4'"  . DC  B 1 8  ? 5.434   -4.894  -9.223  1.00 23.07 ? 18  DC  B "O4'"  1 
ATOM   372 C  "C3'"  . DC  B 1 8  ? 7.664   -5.142  -9.823  1.00 21.44 ? 18  DC  B "C3'"  1 
ATOM   373 O  "O3'"  . DC  B 1 8  ? 8.545   -5.310  -10.936 1.00 26.80 ? 18  DC  B "O3'"  1 
ATOM   374 C  "C2'"  . DC  B 1 8  ? 7.455   -3.667  -9.473  1.00 20.12 ? 18  DC  B "C2'"  1 
ATOM   375 C  "C1'"  . DC  B 1 8  ? 6.051   -3.670  -8.849  1.00 17.92 ? 18  DC  B "C1'"  1 
ATOM   376 N  N1     . DC  B 1 8  ? 6.077   -3.567  -7.368  1.00 16.26 ? 18  DC  B N1     1 
ATOM   377 C  C2     . DC  B 1 8  ? 5.990   -2.307  -6.765  1.00 17.62 ? 18  DC  B C2     1 
ATOM   378 O  O2     . DC  B 1 8  ? 5.865   -1.304  -7.481  1.00 13.73 ? 18  DC  B O2     1 
ATOM   379 N  N3     . DC  B 1 8  ? 6.036   -2.222  -5.410  1.00 15.51 ? 18  DC  B N3     1 
ATOM   380 C  C4     . DC  B 1 8  ? 6.171   -3.330  -4.677  1.00 16.12 ? 18  DC  B C4     1 
ATOM   381 N  N4     . DC  B 1 8  ? 6.212   -3.199  -3.346  1.00 14.26 ? 18  DC  B N4     1 
ATOM   382 C  C5     . DC  B 1 8  ? 6.273   -4.620  -5.275  1.00 15.90 ? 18  DC  B C5     1 
ATOM   383 C  C6     . DC  B 1 8  ? 6.226   -4.692  -6.610  1.00 16.22 ? 18  DC  B C6     1 
ATOM   384 P  P      . DG  B 1 9  ? 10.108  -4.933  -10.822 1.00 27.87 ? 19  DG  B P      1 
ATOM   385 O  OP1    . DG  B 1 9  ? 10.764  -5.408  -12.058 1.00 34.65 ? 19  DG  B OP1    1 
ATOM   386 O  OP2    . DG  B 1 9  ? 10.632  -5.349  -9.506  1.00 18.78 ? 19  DG  B OP2    1 
ATOM   387 O  "O5'"  . DG  B 1 9  ? 10.114  -3.345  -10.847 1.00 21.15 ? 19  DG  B "O5'"  1 
ATOM   388 C  "C5'"  . DG  B 1 9  ? 10.866  -2.652  -9.901  1.00 18.29 ? 19  DG  B "C5'"  1 
ATOM   389 C  "C4'"  . DG  B 1 9  ? 10.501  -1.189  -9.901  1.00 15.54 ? 19  DG  B "C4'"  1 
ATOM   390 O  "O4'"  . DG  B 1 9  ? 9.325   -0.993  -9.081  1.00 17.34 ? 19  DG  B "O4'"  1 
ATOM   391 C  "C3'"  . DG  B 1 9  ? 11.583  -0.291  -9.332  1.00 13.73 ? 19  DG  B "C3'"  1 
ATOM   392 O  "O3'"  . DG  B 1 9  ? 12.328  0.277   -10.399 1.00 14.20 ? 19  DG  B "O3'"  1 
ATOM   393 C  "C2'"  . DG  B 1 9  ? 10.814  0.772   -8.554  1.00 13.98 ? 19  DG  B "C2'"  1 
ATOM   394 C  "C1'"  . DG  B 1 9  ? 9.545   0.037   -8.141  1.00 13.23 ? 19  DG  B "C1'"  1 
ATOM   395 N  N9     . DG  B 1 9  ? 9.580   -0.551  -6.797  1.00 12.43 ? 19  DG  B N9     1 
ATOM   396 C  C8     . DG  B 1 9  ? 9.467   -1.882  -6.475  1.00 16.51 ? 19  DG  B C8     1 
ATOM   397 N  N7     . DG  B 1 9  ? 9.501   -2.114  -5.191  1.00 13.20 ? 19  DG  B N7     1 
ATOM   398 C  C5     . DG  B 1 9  ? 9.638   -0.855  -4.622  1.00 10.74 ? 19  DG  B C5     1 
ATOM   399 C  C6     . DG  B 1 9  ? 9.730   -0.475  -3.264  1.00 14.31 ? 19  DG  B C6     1 
ATOM   400 O  O6     . DG  B 1 9  ? 9.708   -1.202  -2.257  1.00 11.33 ? 19  DG  B O6     1 
ATOM   401 N  N1     . DG  B 1 9  ? 9.863   0.904   -3.123  1.00 11.23 ? 19  DG  B N1     1 
ATOM   402 C  C2     . DG  B 1 9  ? 9.894   1.803   -4.161  1.00 11.93 ? 19  DG  B C2     1 
ATOM   403 N  N2     . DG  B 1 9  ? 10.025  3.096   -3.823  1.00 8.47  ? 19  DG  B N2     1 
ATOM   404 N  N3     . DG  B 1 9  ? 9.810   1.461   -5.443  1.00 9.54  ? 19  DG  B N3     1 
ATOM   405 C  C4     . DG  B 1 9  ? 9.686   0.120   -5.598  1.00 12.15 ? 19  DG  B C4     1 
ATOM   406 P  P      . DC  B 1 10 ? 13.906  0.506   -10.234 1.00 19.52 ? 20  DC  B P      1 
ATOM   407 O  OP1    . DC  B 1 10 ? 14.426  1.037   -11.519 1.00 15.17 ? 20  DC  B OP1    1 
ATOM   408 O  OP2    . DC  B 1 10 ? 14.473  -0.720  -9.628  1.00 11.95 ? 20  DC  B OP2    1 
ATOM   409 O  "O5'"  . DC  B 1 10 ? 14.000  1.678   -9.160  1.00 13.98 ? 20  DC  B "O5'"  1 
ATOM   410 C  "C5'"  . DC  B 1 10 ? 13.507  2.968   -9.481  1.00 13.51 ? 20  DC  B "C5'"  1 
ATOM   411 C  "C4'"  . DC  B 1 10 ? 13.863  3.953   -8.393  1.00 12.87 ? 20  DC  B "C4'"  1 
ATOM   412 O  "O4'"  . DC  B 1 10 ? 13.212  3.553   -7.161  1.00 10.54 ? 20  DC  B "O4'"  1 
ATOM   413 C  "C3'"  . DC  B 1 10 ? 15.357  4.039   -8.083  1.00 15.95 ? 20  DC  B "C3'"  1 
ATOM   414 O  "O3'"  . DC  B 1 10 ? 15.746  5.395   -7.933  1.00 18.13 ? 20  DC  B "O3'"  1 
ATOM   415 C  "C2'"  . DC  B 1 10 ? 15.500  3.257   -6.780  1.00 15.90 ? 20  DC  B "C2'"  1 
ATOM   416 C  "C1'"  . DC  B 1 10 ? 14.152  3.492   -6.119  1.00 16.29 ? 20  DC  B "C1'"  1 
ATOM   417 N  N1     . DC  B 1 10 ? 13.759  2.398   -5.186  1.00 14.04 ? 20  DC  B N1     1 
ATOM   418 C  C2     . DC  B 1 10 ? 13.622  2.672   -3.823  1.00 12.73 ? 20  DC  B C2     1 
ATOM   419 O  O2     . DC  B 1 10 ? 13.817  3.822   -3.417  1.00 13.70 ? 20  DC  B O2     1 
ATOM   420 N  N3     . DC  B 1 10 ? 13.275  1.666   -2.985  1.00 12.38 ? 20  DC  B N3     1 
ATOM   421 C  C4     . DC  B 1 10 ? 13.075  0.437   -3.459  1.00 12.82 ? 20  DC  B C4     1 
ATOM   422 N  N4     . DC  B 1 10 ? 12.733  -0.519  -2.590  1.00 12.14 ? 20  DC  B N4     1 
ATOM   423 C  C5     . DC  B 1 10 ? 13.210  0.135   -4.846  1.00 13.38 ? 20  DC  B C5     1 
ATOM   424 C  C6     . DC  B 1 10 ? 13.556  1.136   -5.666  1.00 13.41 ? 20  DC  B C6     1 
HETATM 425 AS AS     . CAD C 2 .  ? 3.239   -1.910  1.379   1.00 11.79 ? 101 CAD B AS     1 
HETATM 426 C  C1     . CAD C 2 .  ? 4.209   -3.349  0.456   1.00 18.31 ? 101 CAD B C1     1 
HETATM 427 C  C2     . CAD C 2 .  ? 3.973   -1.810  3.198   1.00 28.54 ? 101 CAD B C2     1 
HETATM 428 O  O1     . CAD C 2 .  ? 3.612   -0.259  0.440   1.00 35.99 ? 101 CAD B O1     1 
HETATM 429 O  O2     . CAD C 2 .  ? 1.519   -2.167  1.530   1.00 36.94 ? 101 CAD B O2     1 
HETATM 430 O  O      . HOH D 3 .  ? 1.164   10.072  -6.471  1.00 23.83 ? 101 HOH A O      1 
HETATM 431 O  O      . HOH D 3 .  ? 9.510   1.975   7.402   1.00 21.52 ? 102 HOH A O      1 
HETATM 432 O  O      . HOH D 3 .  ? -3.832  5.989   -5.222  1.00 17.73 ? 103 HOH A O      1 
HETATM 433 O  O      . HOH D 3 .  ? -7.585  -4.791  5.980   1.00 20.44 ? 104 HOH A O      1 
HETATM 434 O  O      . HOH D 3 .  ? 3.099   9.660   -0.484  1.00 20.63 ? 105 HOH A O      1 
HETATM 435 O  O      . HOH D 3 .  ? -9.007  3.806   4.015   1.00 21.37 ? 106 HOH A O      1 
HETATM 436 O  O      . HOH D 3 .  ? -15.105 -6.214  4.173   1.00 25.35 ? 107 HOH A O      1 
HETATM 437 O  O      . HOH D 3 .  ? 7.625   8.724   7.171   1.00 18.14 ? 108 HOH A O      1 
HETATM 438 O  O      . HOH D 3 .  ? 11.975  -2.242  0.822   1.00 19.74 ? 109 HOH A O      1 
HETATM 439 O  O      . HOH D 3 .  ? 5.820   1.838   0.823   1.00 15.21 ? 110 HOH A O      1 
HETATM 440 O  O      . HOH D 3 .  ? -14.480 0.704   15.226  1.00 14.73 ? 111 HOH A O      1 
HETATM 441 O  O      . HOH D 3 .  ? -2.333  8.258   -6.636  1.00 21.53 ? 112 HOH A O      1 
HETATM 442 O  O      . HOH D 3 .  ? 11.564  -1.486  3.760   1.00 23.09 ? 113 HOH A O      1 
HETATM 443 O  O      . HOH D 3 .  ? 7.338   5.135   9.411   1.00 18.89 ? 114 HOH A O      1 
HETATM 444 O  O      . HOH D 3 .  ? 5.477   4.225   2.799   1.00 24.86 ? 115 HOH A O      1 
HETATM 445 O  O      . HOH D 3 .  ? 1.802   7.669   -1.441  1.00 23.23 ? 116 HOH A O      1 
HETATM 446 O  O      . HOH D 3 .  ? -13.262 -3.909  13.284  1.00 25.41 ? 117 HOH A O      1 
HETATM 447 O  O      . HOH D 3 .  ? -15.972 -1.278  13.436  1.00 18.61 ? 118 HOH A O      1 
HETATM 448 O  O      . HOH D 3 .  ? -1.972  1.885   -0.496  1.00 12.24 ? 119 HOH A O      1 
HETATM 449 O  O      . HOH D 3 .  ? -7.983  2.702   0.183   1.00 19.84 ? 120 HOH A O      1 
HETATM 450 O  O      . HOH D 3 .  ? -11.215 -0.146  -8.358  1.00 16.43 ? 121 HOH A O      1 
HETATM 451 O  O      . HOH D 3 .  ? -6.855  3.158   -4.243  1.00 13.13 ? 122 HOH A O      1 
HETATM 452 O  O      . HOH D 3 .  ? 5.270   10.726  -6.902  1.00 17.37 ? 123 HOH A O      1 
HETATM 453 O  O      . HOH D 3 .  ? -12.202 3.129   5.593   1.00 20.07 ? 124 HOH A O      1 
HETATM 454 O  O      . HOH D 3 .  ? -13.699 0.771   -4.910  1.00 21.54 ? 125 HOH A O      1 
HETATM 455 O  O      . HOH D 3 .  ? -6.972  -1.323  11.153  1.00 16.80 ? 126 HOH A O      1 
HETATM 456 O  O      . HOH D 3 .  ? -10.475 3.365   -3.183  1.00 22.71 ? 127 HOH A O      1 
HETATM 457 O  O      . HOH D 3 .  ? -12.085 0.590   1.267   1.00 22.16 ? 128 HOH A O      1 
HETATM 458 O  O      . HOH D 3 .  ? 8.828   -1.489  2.858   1.00 20.37 ? 129 HOH A O      1 
HETATM 459 O  O      . HOH D 3 .  ? -0.341  3.625   -1.925  1.00 11.59 ? 130 HOH A O      1 
HETATM 460 O  O      . HOH D 3 .  ? 0.555   5.958   -5.081  1.00 13.84 ? 131 HOH A O      1 
HETATM 461 O  O      . HOH D 3 .  ? -6.246  2.009   -1.760  1.00 15.61 ? 132 HOH A O      1 
HETATM 462 O  O      . HOH D 3 .  ? 11.222  6.810   -2.116  1.00 13.14 ? 133 HOH A O      1 
HETATM 463 O  O      . HOH D 3 .  ? -1.406  -2.052  -8.609  1.00 11.77 ? 134 HOH A O      1 
HETATM 464 O  O      . HOH D 3 .  ? -6.088  -4.189  -9.707  1.00 15.85 ? 135 HOH A O      1 
HETATM 465 O  O      . HOH D 3 .  ? -7.399  7.216   -8.171  1.00 30.32 ? 136 HOH A O      1 
HETATM 466 O  O      . HOH D 3 .  ? -10.072 1.126   -1.685  1.00 22.39 ? 137 HOH A O      1 
HETATM 467 O  O      . HOH D 3 .  ? 6.644   -1.551  1.304   1.00 32.65 ? 138 HOH A O      1 
HETATM 468 O  O      . HOH D 3 .  ? -10.765 1.881   3.197   1.00 21.60 ? 139 HOH A O      1 
HETATM 469 O  O      . HOH D 3 .  ? -3.865  -2.404  -9.774  1.00 16.97 ? 140 HOH A O      1 
HETATM 470 O  O      . HOH D 3 .  ? 10.024  8.949   -2.964  1.00 16.29 ? 141 HOH A O      1 
HETATM 471 O  O      . HOH D 3 .  ? -4.540  2.962   -0.091  1.00 14.74 ? 142 HOH A O      1 
HETATM 472 O  O      . HOH D 3 .  ? 3.548   11.424  -2.651  1.00 27.27 ? 143 HOH A O      1 
HETATM 473 O  O      . HOH D 3 .  ? -8.418  -2.856  13.354  1.00 18.06 ? 144 HOH A O      1 
HETATM 474 O  O      . HOH D 3 .  ? -1.369  5.307   -3.705  1.00 16.78 ? 145 HOH A O      1 
HETATM 475 O  O      . HOH D 3 .  ? -17.588 -3.640  8.104   1.00 24.15 ? 146 HOH A O      1 
HETATM 476 O  O      . HOH D 3 .  ? -5.904  -6.600  -9.881  1.00 17.98 ? 147 HOH A O      1 
HETATM 477 O  O      . HOH D 3 .  ? -14.198 -1.781  -5.960  1.00 26.49 ? 148 HOH A O      1 
HETATM 478 O  O      . HOH D 3 .  ? -9.791  0.859   -10.726 1.00 19.95 ? 149 HOH A O      1 
HETATM 479 O  O      . HOH D 3 .  ? -7.600  -2.981  -11.774 1.00 16.60 ? 150 HOH A O      1 
HETATM 480 O  O      . HOH D 3 .  ? -7.590  5.633   -2.776  1.00 24.70 ? 151 HOH A O      1 
HETATM 481 O  O      . HOH D 3 .  ? -13.735 -1.044  -8.940  1.00 19.33 ? 152 HOH A O      1 
HETATM 482 O  O      . HOH D 3 .  ? 6.821   6.854   11.549  1.00 15.88 ? 153 HOH A O      1 
HETATM 483 O  O      . HOH E 3 .  ? 1.013   -3.261  -9.270  1.00 22.78 ? 201 HOH B O      1 
HETATM 484 O  O      . HOH E 3 .  ? 15.353  -1.349  -7.501  1.00 21.54 ? 202 HOH B O      1 
HETATM 485 O  O      . HOH E 3 .  ? 16.391  2.050   -12.423 1.00 17.80 ? 203 HOH B O      1 
HETATM 486 O  O      . HOH E 3 .  ? 16.624  6.316   -5.871  1.00 20.49 ? 204 HOH B O      1 
HETATM 487 O  O      . HOH E 3 .  ? -0.642  -14.503 2.575   1.00 19.86 ? 205 HOH B O      1 
HETATM 488 O  O      . HOH E 3 .  ? 3.122   -8.115  -1.125  1.00 17.58 ? 206 HOH B O      1 
HETATM 489 O  O      . HOH E 3 .  ? 4.186   1.732   12.331  1.00 21.25 ? 207 HOH B O      1 
HETATM 490 O  O      . HOH E 3 .  ? -9.255  6.249   4.164   1.00 26.94 ? 208 HOH B O      1 
HETATM 491 O  O      . HOH E 3 .  ? -0.977  0.853   1.789   1.00 11.10 ? 209 HOH B O      1 
HETATM 492 O  O      . HOH E 3 .  ? 2.255   10.401  10.348  1.00 20.27 ? 210 HOH B O      1 
HETATM 493 O  O      . HOH E 3 .  ? 9.912   -4.333  -3.827  1.00 26.78 ? 211 HOH B O      1 
HETATM 494 O  O      . HOH E 3 .  ? 1.611   -11.191 4.655   1.00 20.99 ? 212 HOH B O      1 
HETATM 495 O  O      . HOH E 3 .  ? 2.878   0.270   6.286   1.00 18.14 ? 213 HOH B O      1 
HETATM 496 O  O      . HOH E 3 .  ? -4.715  3.753   2.427   1.00 14.08 ? 214 HOH B O      1 
HETATM 497 O  O      . HOH E 3 .  ? 3.074   -8.948  1.413   1.00 20.32 ? 215 HOH B O      1 
HETATM 498 O  O      . HOH E 3 .  ? -1.684  -14.136 -0.677  1.00 23.77 ? 216 HOH B O      1 
HETATM 499 O  O      . HOH E 3 .  ? 4.080   -5.816  -1.788  1.00 12.52 ? 217 HOH B O      1 
HETATM 500 O  O      . HOH E 3 .  ? 3.336   -7.108  3.581   1.00 17.75 ? 218 HOH B O      1 
HETATM 501 O  O      . HOH E 3 .  ? 9.354   -4.524  -14.387 1.00 32.89 ? 219 HOH B O      1 
HETATM 502 O  O      . HOH E 3 .  ? 1.842   -3.611  5.075   1.00 17.76 ? 220 HOH B O      1 
HETATM 503 O  O      . HOH E 3 .  ? 12.716  -3.288  -3.508  1.00 14.65 ? 221 HOH B O      1 
HETATM 504 O  O      . HOH E 3 .  ? -4.797  -2.228  9.932   1.00 12.26 ? 222 HOH B O      1 
HETATM 505 O  O      . HOH E 3 .  ? -1.617  3.887   4.132   1.00 16.52 ? 223 HOH B O      1 
HETATM 506 O  O      . HOH E 3 .  ? 9.644   -3.719  -0.772  1.00 24.54 ? 224 HOH B O      1 
HETATM 507 O  O      . HOH E 3 .  ? 5.022   3.971   8.018   1.00 24.26 ? 225 HOH B O      1 
HETATM 508 O  O      . HOH E 3 .  ? -1.023  13.413  10.537  1.00 19.75 ? 226 HOH B O      1 
HETATM 509 O  O      . HOH E 3 .  ? 4.062   6.594   11.990  1.00 13.76 ? 227 HOH B O      1 
HETATM 510 O  O      . HOH E 3 .  ? -3.875  6.172   3.439   1.00 27.73 ? 228 HOH B O      1 
HETATM 511 O  O      . HOH E 3 .  ? -0.779  15.294  5.844   1.00 20.08 ? 229 HOH B O      1 
HETATM 512 O  O      . HOH E 3 .  ? 11.818  -7.602  -14.123 1.00 29.52 ? 230 HOH B O      1 
HETATM 513 O  O      . HOH E 3 .  ? 4.124   6.001   6.878   1.00 30.18 ? 231 HOH B O      1 
HETATM 514 O  O      . HOH E 3 .  ? -0.612  11.357  11.538  1.00 19.47 ? 232 HOH B O      1 
HETATM 515 O  O      . HOH E 3 .  ? 1.482   2.195   5.579   1.00 24.05 ? 233 HOH B O      1 
HETATM 516 O  O      . HOH E 3 .  ? 13.088  -3.579  -6.138  1.00 23.18 ? 234 HOH B O      1 
HETATM 517 O  O      . HOH E 3 .  ? 18.362  0.257   -10.978 1.00 20.85 ? 235 HOH B O      1 
HETATM 518 O  O      . HOH E 3 .  ? -0.825  -13.204 5.209   1.00 19.23 ? 236 HOH B O      1 
HETATM 519 O  O      . HOH E 3 .  ? 16.714  2.927   -14.752 1.00 25.89 ? 237 HOH B O      1 
HETATM 520 O  O      . HOH E 3 .  ? -10.211 8.054   2.729   1.00 32.11 ? 238 HOH B O      1 
# 
loop_
_pdbx_poly_seq_scheme.asym_id 
_pdbx_poly_seq_scheme.entity_id 
_pdbx_poly_seq_scheme.seq_id 
_pdbx_poly_seq_scheme.mon_id 
_pdbx_poly_seq_scheme.ndb_seq_num 
_pdbx_poly_seq_scheme.pdb_seq_num 
_pdbx_poly_seq_scheme.auth_seq_num 
_pdbx_poly_seq_scheme.pdb_mon_id 
_pdbx_poly_seq_scheme.auth_mon_id 
_pdbx_poly_seq_scheme.pdb_strand_id 
_pdbx_poly_seq_scheme.pdb_ins_code 
_pdbx_poly_seq_scheme.hetero 
A 1 1  DG  1  1  1  DG  DG  A . n 
A 1 2  DC  2  2  2  DC  DC  A . n 
A 1 3  DG  3  3  3  DG  DG  A . n 
A 1 4  DT  4  4  4  DT  DT  A . n 
A 1 5  DA  5  5  5  DA  DA  A . n 
A 1 6  LR6 6  6  6  LR6 GUC A . n 
A 1 7  DA  7  7  7  DA  DA  A . n 
A 1 8  DC  8  8  8  DC  DC  A . n 
A 1 9  DG  9  9  9  DG  DG  A . n 
A 1 10 DC  10 10 10 DC  DC  A . n 
B 1 1  DG  1  11 11 DG  DG  B . n 
B 1 2  DC  2  12 12 DC  DC  B . n 
B 1 3  DG  3  13 13 DG  DG  B . n 
B 1 4  DT  4  14 14 DT  DT  B . n 
B 1 5  DA  5  15 15 DA  DA  B . n 
B 1 6  LR6 6  16 16 LR6 GUC B . n 
B 1 7  DA  7  17 17 DA  DA  B . n 
B 1 8  DC  8  18 18 DC  DC  B . n 
B 1 9  DG  9  19 19 DG  DG  B . n 
B 1 10 DC  10 20 20 DC  DC  B . n 
# 
loop_
_pdbx_contact_author.id 
_pdbx_contact_author.email 
_pdbx_contact_author.name_first 
_pdbx_contact_author.name_last 
_pdbx_contact_author.name_mi 
_pdbx_contact_author.role 
_pdbx_contact_author.identifier_ORCID 
2 haoyama@phs.osaka-u.ac.jp      HIroshi Aoyama    ? 'principal investigator/group leader' 0000-0001-7915-8975 
3 obika@phs.osaka-u.ac.jp        Satoshi Obika     ? 'principal investigator/group leader' 0000-0002-6842-6812 
4 yamaguchi-ta@phs.osaka-u.ac.jp Takao   Yamaguchi ? 'principal investigator/group leader' 0000-0003-3180-0257 
# 
loop_
_pdbx_nonpoly_scheme.asym_id 
_pdbx_nonpoly_scheme.entity_id 
_pdbx_nonpoly_scheme.mon_id 
_pdbx_nonpoly_scheme.ndb_seq_num 
_pdbx_nonpoly_scheme.pdb_seq_num 
_pdbx_nonpoly_scheme.auth_seq_num 
_pdbx_nonpoly_scheme.pdb_mon_id 
_pdbx_nonpoly_scheme.auth_mon_id 
_pdbx_nonpoly_scheme.pdb_strand_id 
_pdbx_nonpoly_scheme.pdb_ins_code 
C 2 CAD 1  101 1  CAD CAD B . 
D 3 HOH 1  101 52 HOH HOH A . 
D 3 HOH 2  102 81 HOH HOH A . 
D 3 HOH 3  103 10 HOH HOH A . 
D 3 HOH 4  104 64 HOH HOH A . 
D 3 HOH 5  105 25 HOH HOH A . 
D 3 HOH 6  106 54 HOH HOH A . 
D 3 HOH 7  107 57 HOH HOH A . 
D 3 HOH 8  108 49 HOH HOH A . 
D 3 HOH 9  109 77 HOH HOH A . 
D 3 HOH 10 110 38 HOH HOH A . 
D 3 HOH 11 111 3  HOH HOH A . 
D 3 HOH 12 112 39 HOH HOH A . 
D 3 HOH 13 113 43 HOH HOH A . 
D 3 HOH 14 114 20 HOH HOH A . 
D 3 HOH 15 115 69 HOH HOH A . 
D 3 HOH 16 116 75 HOH HOH A . 
D 3 HOH 17 117 91 HOH HOH A . 
D 3 HOH 18 118 50 HOH HOH A . 
D 3 HOH 19 119 6  HOH HOH A . 
D 3 HOH 20 120 19 HOH HOH A . 
D 3 HOH 21 121 14 HOH HOH A . 
D 3 HOH 22 122 37 HOH HOH A . 
D 3 HOH 23 123 7  HOH HOH A . 
D 3 HOH 24 124 41 HOH HOH A . 
D 3 HOH 25 125 87 HOH HOH A . 
D 3 HOH 26 126 16 HOH HOH A . 
D 3 HOH 27 127 76 HOH HOH A . 
D 3 HOH 28 128 13 HOH HOH A . 
D 3 HOH 29 129 61 HOH HOH A . 
D 3 HOH 30 130 17 HOH HOH A . 
D 3 HOH 31 131 8  HOH HOH A . 
D 3 HOH 32 132 36 HOH HOH A . 
D 3 HOH 33 133 11 HOH HOH A . 
D 3 HOH 34 134 35 HOH HOH A . 
D 3 HOH 35 135 28 HOH HOH A . 
D 3 HOH 36 136 72 HOH HOH A . 
D 3 HOH 37 137 58 HOH HOH A . 
D 3 HOH 38 138 78 HOH HOH A . 
D 3 HOH 39 139 27 HOH HOH A . 
D 3 HOH 40 140 33 HOH HOH A . 
D 3 HOH 41 141 26 HOH HOH A . 
D 3 HOH 42 142 5  HOH HOH A . 
D 3 HOH 43 143 89 HOH HOH A . 
D 3 HOH 44 144 47 HOH HOH A . 
D 3 HOH 45 145 56 HOH HOH A . 
D 3 HOH 46 146 74 HOH HOH A . 
D 3 HOH 47 147 48 HOH HOH A . 
D 3 HOH 48 148 32 HOH HOH A . 
D 3 HOH 49 149 60 HOH HOH A . 
D 3 HOH 50 150 46 HOH HOH A . 
D 3 HOH 51 151 59 HOH HOH A . 
D 3 HOH 52 152 30 HOH HOH A . 
D 3 HOH 53 153 23 HOH HOH A . 
E 3 HOH 1  201 79 HOH HOH B . 
E 3 HOH 2  202 63 HOH HOH B . 
E 3 HOH 3  203 44 HOH HOH B . 
E 3 HOH 4  204 66 HOH HOH B . 
E 3 HOH 5  205 42 HOH HOH B . 
E 3 HOH 6  206 22 HOH HOH B . 
E 3 HOH 7  207 55 HOH HOH B . 
E 3 HOH 8  208 80 HOH HOH B . 
E 3 HOH 9  209 24 HOH HOH B . 
E 3 HOH 10 210 67 HOH HOH B . 
E 3 HOH 11 211 62 HOH HOH B . 
E 3 HOH 12 212 40 HOH HOH B . 
E 3 HOH 13 213 21 HOH HOH B . 
E 3 HOH 14 214 18 HOH HOH B . 
E 3 HOH 15 215 29 HOH HOH B . 
E 3 HOH 16 216 68 HOH HOH B . 
E 3 HOH 17 217 1  HOH HOH B . 
E 3 HOH 18 218 4  HOH HOH B . 
E 3 HOH 19 219 82 HOH HOH B . 
E 3 HOH 20 220 12 HOH HOH B . 
E 3 HOH 21 221 9  HOH HOH B . 
E 3 HOH 22 222 2  HOH HOH B . 
E 3 HOH 23 223 86 HOH HOH B . 
E 3 HOH 24 224 70 HOH HOH B . 
E 3 HOH 25 225 51 HOH HOH B . 
E 3 HOH 26 226 53 HOH HOH B . 
E 3 HOH 27 227 15 HOH HOH B . 
E 3 HOH 28 228 31 HOH HOH B . 
E 3 HOH 29 229 34 HOH HOH B . 
E 3 HOH 30 230 90 HOH HOH B . 
E 3 HOH 31 231 84 HOH HOH B . 
E 3 HOH 32 232 73 HOH HOH B . 
E 3 HOH 33 233 65 HOH HOH B . 
E 3 HOH 34 234 71 HOH HOH B . 
E 3 HOH 35 235 85 HOH HOH B . 
E 3 HOH 36 236 45 HOH HOH B . 
E 3 HOH 37 237 83 HOH HOH B . 
E 3 HOH 38 238 88 HOH HOH B . 
# 
_pdbx_struct_assembly.id                   1 
_pdbx_struct_assembly.details              author_and_software_defined_assembly 
_pdbx_struct_assembly.method_details       PISA 
_pdbx_struct_assembly.oligomeric_details   dimeric 
_pdbx_struct_assembly.oligomeric_count     2 
# 
_pdbx_struct_assembly_gen.assembly_id       1 
_pdbx_struct_assembly_gen.oper_expression   1 
_pdbx_struct_assembly_gen.asym_id_list      A,B,C,D,E 
# 
loop_
_pdbx_struct_assembly_prop.biol_id 
_pdbx_struct_assembly_prop.type 
_pdbx_struct_assembly_prop.value 
_pdbx_struct_assembly_prop.details 
1 'ABSA (A^2)' 1340 ? 
1 MORE         1    ? 
1 'SSA (A^2)'  3880 ? 
# 
_pdbx_struct_oper_list.id                   1 
_pdbx_struct_oper_list.type                 'identity operation' 
_pdbx_struct_oper_list.name                 1_555 
_pdbx_struct_oper_list.symmetry_operation   x,y,z 
_pdbx_struct_oper_list.matrix[1][1]         1.0000000000 
_pdbx_struct_oper_list.matrix[1][2]         0.0000000000 
_pdbx_struct_oper_list.matrix[1][3]         0.0000000000 
_pdbx_struct_oper_list.vector[1]            0.0000000000 
_pdbx_struct_oper_list.matrix[2][1]         0.0000000000 
_pdbx_struct_oper_list.matrix[2][2]         1.0000000000 
_pdbx_struct_oper_list.matrix[2][3]         0.0000000000 
_pdbx_struct_oper_list.vector[2]            0.0000000000 
_pdbx_struct_oper_list.matrix[3][1]         0.0000000000 
_pdbx_struct_oper_list.matrix[3][2]         0.0000000000 
_pdbx_struct_oper_list.matrix[3][3]         1.0000000000 
_pdbx_struct_oper_list.vector[3]            0.0000000000 
# 
loop_
_pdbx_audit_revision_history.ordinal 
_pdbx_audit_revision_history.data_content_type 
_pdbx_audit_revision_history.major_revision 
_pdbx_audit_revision_history.minor_revision 
_pdbx_audit_revision_history.revision_date 
1 'Structure model' 1 0 2023-08-09 
2 'Structure model' 1 1 2023-09-06 
# 
_pdbx_audit_revision_details.ordinal             1 
_pdbx_audit_revision_details.revision_ordinal    1 
_pdbx_audit_revision_details.data_content_type   'Structure model' 
_pdbx_audit_revision_details.provider            repository 
_pdbx_audit_revision_details.type                'Initial release' 
_pdbx_audit_revision_details.description         ? 
_pdbx_audit_revision_details.details             ? 
# 
loop_
_pdbx_audit_revision_group.ordinal 
_pdbx_audit_revision_group.revision_ordinal 
_pdbx_audit_revision_group.data_content_type 
_pdbx_audit_revision_group.group 
1 2 'Structure model' 'Data collection'     
2 2 'Structure model' 'Database references' 
# 
loop_
_pdbx_audit_revision_category.ordinal 
_pdbx_audit_revision_category.revision_ordinal 
_pdbx_audit_revision_category.data_content_type 
_pdbx_audit_revision_category.category 
1 2 'Structure model' chem_comp_atom  
2 2 'Structure model' chem_comp_bond  
3 2 'Structure model' citation        
4 2 'Structure model' citation_author 
# 
loop_
_pdbx_audit_revision_item.ordinal 
_pdbx_audit_revision_item.revision_ordinal 
_pdbx_audit_revision_item.data_content_type 
_pdbx_audit_revision_item.item 
1 2 'Structure model' '_citation.journal_volume'          
2 2 'Structure model' '_citation.page_first'              
3 2 'Structure model' '_citation.page_last'               
4 2 'Structure model' '_citation.title'                   
5 2 'Structure model' '_citation_author.identifier_ORCID' 
# 
_pdbx_phasing_MR.entry_id                     8HIS 
_pdbx_phasing_MR.method_rotation              ? 
_pdbx_phasing_MR.method_translation           ? 
_pdbx_phasing_MR.model_details                'Phaser MODE: MR_AUTO' 
_pdbx_phasing_MR.R_factor                     ? 
_pdbx_phasing_MR.R_rigid_body                 ? 
_pdbx_phasing_MR.correlation_coeff_Fo_to_Fc   ? 
_pdbx_phasing_MR.correlation_coeff_Io_to_Ic   ? 
_pdbx_phasing_MR.d_res_high_rotation          2.010 
_pdbx_phasing_MR.d_res_low_rotation           20.130 
_pdbx_phasing_MR.d_res_high_translation       2.010 
_pdbx_phasing_MR.d_res_low_translation        20.130 
_pdbx_phasing_MR.packing                      ? 
_pdbx_phasing_MR.reflns_percent_rotation      ? 
_pdbx_phasing_MR.reflns_percent_translation   ? 
_pdbx_phasing_MR.sigma_F_rotation             ? 
_pdbx_phasing_MR.sigma_F_translation          ? 
_pdbx_phasing_MR.sigma_I_rotation             ? 
_pdbx_phasing_MR.sigma_I_translation          ? 
# 
_phasing.method   MR 
# 
loop_
_software.citation_id 
_software.classification 
_software.compiler_name 
_software.compiler_version 
_software.contact_author 
_software.contact_author_email 
_software.date 
_software.description 
_software.dependencies 
_software.hardware 
_software.language 
_software.location 
_software.mods 
_software.name 
_software.os 
_software.os_version 
_software.type 
_software.version 
_software.pdbx_ordinal 
? refinement        ? ? ? ? ? ? ? ? ? ? ? PHENIX      ? ? ? 1.20.1-4487 1 
? 'data reduction'  ? ? ? ? ? ? ? ? ? ? ? XDS         ? ? ? .           2 
? 'data scaling'    ? ? ? ? ? ? ? ? ? ? ? Aimless     ? ? ? 0.7.4       3 
? phasing           ? ? ? ? ? ? ? ? ? ? ? PHASER      ? ? ? 2.8.2       4 
? 'data extraction' ? ? ? ? ? ? ? ? ? ? ? PDB_EXTRACT ? ? ? 3.25        5 
# 
_pdbx_entry_details.entry_id                 8HIS 
_pdbx_entry_details.has_ligand_of_interest   Y 
_pdbx_entry_details.compound_details         ? 
_pdbx_entry_details.source_details           ? 
_pdbx_entry_details.nonpolymer_details       ? 
_pdbx_entry_details.sequence_details         ? 
# 
loop_
_chem_comp_atom.comp_id 
_chem_comp_atom.atom_id 
_chem_comp_atom.type_symbol 
_chem_comp_atom.pdbx_aromatic_flag 
_chem_comp_atom.pdbx_stereo_config 
_chem_comp_atom.pdbx_ordinal 
CAD AS     AS N N 1   
CAD C1     C  N N 2   
CAD C2     C  N N 3   
CAD O1     O  N N 4   
CAD O2     O  N N 5   
CAD H11    H  N N 6   
CAD H12    H  N N 7   
CAD H13    H  N N 8   
CAD H21    H  N N 9   
CAD H22    H  N N 10  
CAD H23    H  N N 11  
CAD HO1    H  N N 12  
DA  OP3    O  N N 13  
DA  P      P  N N 14  
DA  OP1    O  N N 15  
DA  OP2    O  N N 16  
DA  "O5'"  O  N N 17  
DA  "C5'"  C  N N 18  
DA  "C4'"  C  N R 19  
DA  "O4'"  O  N N 20  
DA  "C3'"  C  N S 21  
DA  "O3'"  O  N N 22  
DA  "C2'"  C  N N 23  
DA  "C1'"  C  N R 24  
DA  N9     N  Y N 25  
DA  C8     C  Y N 26  
DA  N7     N  Y N 27  
DA  C5     C  Y N 28  
DA  C6     C  Y N 29  
DA  N6     N  N N 30  
DA  N1     N  Y N 31  
DA  C2     C  Y N 32  
DA  N3     N  Y N 33  
DA  C4     C  Y N 34  
DA  HOP3   H  N N 35  
DA  HOP2   H  N N 36  
DA  "H5'"  H  N N 37  
DA  "H5''" H  N N 38  
DA  "H4'"  H  N N 39  
DA  "H3'"  H  N N 40  
DA  "HO3'" H  N N 41  
DA  "H2'"  H  N N 42  
DA  "H2''" H  N N 43  
DA  "H1'"  H  N N 44  
DA  H8     H  N N 45  
DA  H61    H  N N 46  
DA  H62    H  N N 47  
DA  H2     H  N N 48  
DC  OP3    O  N N 49  
DC  P      P  N N 50  
DC  OP1    O  N N 51  
DC  OP2    O  N N 52  
DC  "O5'"  O  N N 53  
DC  "C5'"  C  N N 54  
DC  "C4'"  C  N R 55  
DC  "O4'"  O  N N 56  
DC  "C3'"  C  N S 57  
DC  "O3'"  O  N N 58  
DC  "C2'"  C  N N 59  
DC  "C1'"  C  N R 60  
DC  N1     N  N N 61  
DC  C2     C  N N 62  
DC  O2     O  N N 63  
DC  N3     N  N N 64  
DC  C4     C  N N 65  
DC  N4     N  N N 66  
DC  C5     C  N N 67  
DC  C6     C  N N 68  
DC  HOP3   H  N N 69  
DC  HOP2   H  N N 70  
DC  "H5'"  H  N N 71  
DC  "H5''" H  N N 72  
DC  "H4'"  H  N N 73  
DC  "H3'"  H  N N 74  
DC  "HO3'" H  N N 75  
DC  "H2'"  H  N N 76  
DC  "H2''" H  N N 77  
DC  "H1'"  H  N N 78  
DC  H41    H  N N 79  
DC  H42    H  N N 80  
DC  H5     H  N N 81  
DC  H6     H  N N 82  
DG  OP3    O  N N 83  
DG  P      P  N N 84  
DG  OP1    O  N N 85  
DG  OP2    O  N N 86  
DG  "O5'"  O  N N 87  
DG  "C5'"  C  N N 88  
DG  "C4'"  C  N R 89  
DG  "O4'"  O  N N 90  
DG  "C3'"  C  N S 91  
DG  "O3'"  O  N N 92  
DG  "C2'"  C  N N 93  
DG  "C1'"  C  N R 94  
DG  N9     N  Y N 95  
DG  C8     C  Y N 96  
DG  N7     N  Y N 97  
DG  C5     C  Y N 98  
DG  C6     C  N N 99  
DG  O6     O  N N 100 
DG  N1     N  N N 101 
DG  C2     C  N N 102 
DG  N2     N  N N 103 
DG  N3     N  N N 104 
DG  C4     C  Y N 105 
DG  HOP3   H  N N 106 
DG  HOP2   H  N N 107 
DG  "H5'"  H  N N 108 
DG  "H5''" H  N N 109 
DG  "H4'"  H  N N 110 
DG  "H3'"  H  N N 111 
DG  "HO3'" H  N N 112 
DG  "H2'"  H  N N 113 
DG  "H2''" H  N N 114 
DG  "H1'"  H  N N 115 
DG  H8     H  N N 116 
DG  H1     H  N N 117 
DG  H21    H  N N 118 
DG  H22    H  N N 119 
DT  OP3    O  N N 120 
DT  P      P  N N 121 
DT  OP1    O  N N 122 
DT  OP2    O  N N 123 
DT  "O5'"  O  N N 124 
DT  "C5'"  C  N N 125 
DT  "C4'"  C  N R 126 
DT  "O4'"  O  N N 127 
DT  "C3'"  C  N S 128 
DT  "O3'"  O  N N 129 
DT  "C2'"  C  N N 130 
DT  "C1'"  C  N R 131 
DT  N1     N  N N 132 
DT  C2     C  N N 133 
DT  O2     O  N N 134 
DT  N3     N  N N 135 
DT  C4     C  N N 136 
DT  O4     O  N N 137 
DT  C5     C  N N 138 
DT  C7     C  N N 139 
DT  C6     C  N N 140 
DT  HOP3   H  N N 141 
DT  HOP2   H  N N 142 
DT  "H5'"  H  N N 143 
DT  "H5''" H  N N 144 
DT  "H4'"  H  N N 145 
DT  "H3'"  H  N N 146 
DT  "HO3'" H  N N 147 
DT  "H2'"  H  N N 148 
DT  "H2''" H  N N 149 
DT  "H1'"  H  N N 150 
DT  H3     H  N N 151 
DT  H71    H  N N 152 
DT  H72    H  N N 153 
DT  H73    H  N N 154 
DT  H6     H  N N 155 
HOH O      O  N N 156 
HOH H1     H  N N 157 
HOH H2     H  N N 158 
LR6 C2     C  N N 159 
LR6 C4     C  N N 160 
LR6 C5     C  N N 161 
LR6 C6     C  N N 162 
LR6 N1     N  N N 163 
LR6 N3     N  N N 164 
LR6 CD     C  N N 165 
LR6 "C1'"  C  N R 166 
LR6 "C2'"  C  N R 167 
LR6 "C3'"  C  N S 168 
LR6 "C4'"  C  N R 169 
LR6 "C5'"  C  N N 170 
LR6 C5M    C  N N 171 
LR6 "C6'"  C  N N 172 
LR6 "C7'"  C  N N 173 
LR6 "C8'"  C  N N 174 
LR6 "C9'"  C  N N 175 
LR6 "N2'"  N  N N 176 
LR6 "N3'"  N  N N 177 
LR6 "N4'"  N  N N 178 
LR6 O2     O  N N 179 
LR6 "O3'"  O  N N 180 
LR6 O4     O  N N 181 
LR6 "O4'"  O  N N 182 
LR6 "O5'"  O  N N 183 
LR6 OP1    O  N N 184 
LR6 OP2    O  N N 185 
LR6 P      P  N N 186 
LR6 "C10'" C  N N 187 
LR6 "C11'" C  N N 188 
LR6 H1     H  N N 189 
LR6 H2     H  N N 190 
LR6 H3     H  N N 191 
LR6 H4     H  N N 192 
LR6 H5     H  N N 193 
LR6 H6     H  N N 194 
LR6 H7     H  N N 195 
LR6 H8     H  N N 196 
LR6 H9     H  N N 197 
LR6 H10    H  N N 198 
LR6 H11    H  N N 199 
LR6 H12    H  N N 200 
LR6 H13    H  N N 201 
LR6 H14    H  N N 202 
LR6 H15    H  N N 203 
LR6 H16    H  N N 204 
LR6 H17    H  N N 205 
LR6 H18    H  N N 206 
LR6 H19    H  N N 207 
LR6 "HO3'" H  N N 208 
LR6 HOP2   H  N N 209 
LR6 H23    H  N N 210 
LR6 H24    H  N N 211 
LR6 H25    H  N N 212 
LR6 H26    H  N N 213 
LR6 H27    H  N N 214 
LR6 H28    H  N N 215 
LR6 OP3    O  N N 216 
LR6 HOP3   H  N N 217 
# 
loop_
_chem_comp_bond.comp_id 
_chem_comp_bond.atom_id_1 
_chem_comp_bond.atom_id_2 
_chem_comp_bond.value_order 
_chem_comp_bond.pdbx_aromatic_flag 
_chem_comp_bond.pdbx_stereo_config 
_chem_comp_bond.pdbx_ordinal 
CAD AS     C1     sing N N 1   
CAD AS     C2     sing N N 2   
CAD AS     O1     sing N N 3   
CAD AS     O2     doub N N 4   
CAD C1     H11    sing N N 5   
CAD C1     H12    sing N N 6   
CAD C1     H13    sing N N 7   
CAD C2     H21    sing N N 8   
CAD C2     H22    sing N N 9   
CAD C2     H23    sing N N 10  
CAD O1     HO1    sing N N 11  
DA  OP3    P      sing N N 12  
DA  OP3    HOP3   sing N N 13  
DA  P      OP1    doub N N 14  
DA  P      OP2    sing N N 15  
DA  P      "O5'"  sing N N 16  
DA  OP2    HOP2   sing N N 17  
DA  "O5'"  "C5'"  sing N N 18  
DA  "C5'"  "C4'"  sing N N 19  
DA  "C5'"  "H5'"  sing N N 20  
DA  "C5'"  "H5''" sing N N 21  
DA  "C4'"  "O4'"  sing N N 22  
DA  "C4'"  "C3'"  sing N N 23  
DA  "C4'"  "H4'"  sing N N 24  
DA  "O4'"  "C1'"  sing N N 25  
DA  "C3'"  "O3'"  sing N N 26  
DA  "C3'"  "C2'"  sing N N 27  
DA  "C3'"  "H3'"  sing N N 28  
DA  "O3'"  "HO3'" sing N N 29  
DA  "C2'"  "C1'"  sing N N 30  
DA  "C2'"  "H2'"  sing N N 31  
DA  "C2'"  "H2''" sing N N 32  
DA  "C1'"  N9     sing N N 33  
DA  "C1'"  "H1'"  sing N N 34  
DA  N9     C8     sing Y N 35  
DA  N9     C4     sing Y N 36  
DA  C8     N7     doub Y N 37  
DA  C8     H8     sing N N 38  
DA  N7     C5     sing Y N 39  
DA  C5     C6     sing Y N 40  
DA  C5     C4     doub Y N 41  
DA  C6     N6     sing N N 42  
DA  C6     N1     doub Y N 43  
DA  N6     H61    sing N N 44  
DA  N6     H62    sing N N 45  
DA  N1     C2     sing Y N 46  
DA  C2     N3     doub Y N 47  
DA  C2     H2     sing N N 48  
DA  N3     C4     sing Y N 49  
DC  OP3    P      sing N N 50  
DC  OP3    HOP3   sing N N 51  
DC  P      OP1    doub N N 52  
DC  P      OP2    sing N N 53  
DC  P      "O5'"  sing N N 54  
DC  OP2    HOP2   sing N N 55  
DC  "O5'"  "C5'"  sing N N 56  
DC  "C5'"  "C4'"  sing N N 57  
DC  "C5'"  "H5'"  sing N N 58  
DC  "C5'"  "H5''" sing N N 59  
DC  "C4'"  "O4'"  sing N N 60  
DC  "C4'"  "C3'"  sing N N 61  
DC  "C4'"  "H4'"  sing N N 62  
DC  "O4'"  "C1'"  sing N N 63  
DC  "C3'"  "O3'"  sing N N 64  
DC  "C3'"  "C2'"  sing N N 65  
DC  "C3'"  "H3'"  sing N N 66  
DC  "O3'"  "HO3'" sing N N 67  
DC  "C2'"  "C1'"  sing N N 68  
DC  "C2'"  "H2'"  sing N N 69  
DC  "C2'"  "H2''" sing N N 70  
DC  "C1'"  N1     sing N N 71  
DC  "C1'"  "H1'"  sing N N 72  
DC  N1     C2     sing N N 73  
DC  N1     C6     sing N N 74  
DC  C2     O2     doub N N 75  
DC  C2     N3     sing N N 76  
DC  N3     C4     doub N N 77  
DC  C4     N4     sing N N 78  
DC  C4     C5     sing N N 79  
DC  N4     H41    sing N N 80  
DC  N4     H42    sing N N 81  
DC  C5     C6     doub N N 82  
DC  C5     H5     sing N N 83  
DC  C6     H6     sing N N 84  
DG  OP3    P      sing N N 85  
DG  OP3    HOP3   sing N N 86  
DG  P      OP1    doub N N 87  
DG  P      OP2    sing N N 88  
DG  P      "O5'"  sing N N 89  
DG  OP2    HOP2   sing N N 90  
DG  "O5'"  "C5'"  sing N N 91  
DG  "C5'"  "C4'"  sing N N 92  
DG  "C5'"  "H5'"  sing N N 93  
DG  "C5'"  "H5''" sing N N 94  
DG  "C4'"  "O4'"  sing N N 95  
DG  "C4'"  "C3'"  sing N N 96  
DG  "C4'"  "H4'"  sing N N 97  
DG  "O4'"  "C1'"  sing N N 98  
DG  "C3'"  "O3'"  sing N N 99  
DG  "C3'"  "C2'"  sing N N 100 
DG  "C3'"  "H3'"  sing N N 101 
DG  "O3'"  "HO3'" sing N N 102 
DG  "C2'"  "C1'"  sing N N 103 
DG  "C2'"  "H2'"  sing N N 104 
DG  "C2'"  "H2''" sing N N 105 
DG  "C1'"  N9     sing N N 106 
DG  "C1'"  "H1'"  sing N N 107 
DG  N9     C8     sing Y N 108 
DG  N9     C4     sing Y N 109 
DG  C8     N7     doub Y N 110 
DG  C8     H8     sing N N 111 
DG  N7     C5     sing Y N 112 
DG  C5     C6     sing N N 113 
DG  C5     C4     doub Y N 114 
DG  C6     O6     doub N N 115 
DG  C6     N1     sing N N 116 
DG  N1     C2     sing N N 117 
DG  N1     H1     sing N N 118 
DG  C2     N2     sing N N 119 
DG  C2     N3     doub N N 120 
DG  N2     H21    sing N N 121 
DG  N2     H22    sing N N 122 
DG  N3     C4     sing N N 123 
DT  OP3    P      sing N N 124 
DT  OP3    HOP3   sing N N 125 
DT  P      OP1    doub N N 126 
DT  P      OP2    sing N N 127 
DT  P      "O5'"  sing N N 128 
DT  OP2    HOP2   sing N N 129 
DT  "O5'"  "C5'"  sing N N 130 
DT  "C5'"  "C4'"  sing N N 131 
DT  "C5'"  "H5'"  sing N N 132 
DT  "C5'"  "H5''" sing N N 133 
DT  "C4'"  "O4'"  sing N N 134 
DT  "C4'"  "C3'"  sing N N 135 
DT  "C4'"  "H4'"  sing N N 136 
DT  "O4'"  "C1'"  sing N N 137 
DT  "C3'"  "O3'"  sing N N 138 
DT  "C3'"  "C2'"  sing N N 139 
DT  "C3'"  "H3'"  sing N N 140 
DT  "O3'"  "HO3'" sing N N 141 
DT  "C2'"  "C1'"  sing N N 142 
DT  "C2'"  "H2'"  sing N N 143 
DT  "C2'"  "H2''" sing N N 144 
DT  "C1'"  N1     sing N N 145 
DT  "C1'"  "H1'"  sing N N 146 
DT  N1     C2     sing N N 147 
DT  N1     C6     sing N N 148 
DT  C2     O2     doub N N 149 
DT  C2     N3     sing N N 150 
DT  N3     C4     sing N N 151 
DT  N3     H3     sing N N 152 
DT  C4     O4     doub N N 153 
DT  C4     C5     sing N N 154 
DT  C5     C7     sing N N 155 
DT  C5     C6     doub N N 156 
DT  C7     H71    sing N N 157 
DT  C7     H72    sing N N 158 
DT  C7     H73    sing N N 159 
DT  C6     H6     sing N N 160 
HOH O      H1     sing N N 161 
HOH O      H2     sing N N 162 
LR6 "C9'"  "C8'"  sing N N 163 
LR6 "C11'" "C8'"  sing N N 164 
LR6 "C8'"  "C10'" sing N N 165 
LR6 "C8'"  "N4'"  sing N N 166 
LR6 "C7'"  "N3'"  sing N N 167 
LR6 "N4'"  CD     doub N N 168 
LR6 "N3'"  CD     sing N N 169 
LR6 CD     "N2'"  sing N N 170 
LR6 "N2'"  "C6'"  sing N N 171 
LR6 "N2'"  "C2'"  sing N N 172 
LR6 "O3'"  "C3'"  sing N N 173 
LR6 "C6'"  "C4'"  sing N N 174 
LR6 "C2'"  "C3'"  sing N N 175 
LR6 "C2'"  "C1'"  sing N N 176 
LR6 "C3'"  "C4'"  sing N N 177 
LR6 O2     C2     doub N N 178 
LR6 "C1'"  "O4'"  sing N N 179 
LR6 "C1'"  N1     sing N N 180 
LR6 "C4'"  "O4'"  sing N N 181 
LR6 "C4'"  "C5'"  sing N N 182 
LR6 C2     N1     sing N N 183 
LR6 C2     N3     sing N N 184 
LR6 N1     C6     sing N N 185 
LR6 "C5'"  "O5'"  sing N N 186 
LR6 N3     C4     sing N N 187 
LR6 "O5'"  P      sing N N 188 
LR6 C6     C5     doub N N 189 
LR6 C4     C5     sing N N 190 
LR6 C4     O4     doub N N 191 
LR6 C5     C5M    sing N N 192 
LR6 OP1    P      doub N N 193 
LR6 P      OP2    sing N N 194 
LR6 C6     H1     sing N N 195 
LR6 N3     H2     sing N N 196 
LR6 "C1'"  H3     sing N N 197 
LR6 "C2'"  H4     sing N N 198 
LR6 "C3'"  H5     sing N N 199 
LR6 "C5'"  H6     sing N N 200 
LR6 "C5'"  H7     sing N N 201 
LR6 C5M    H8     sing N N 202 
LR6 C5M    H9     sing N N 203 
LR6 C5M    H10    sing N N 204 
LR6 "C6'"  H11    sing N N 205 
LR6 "C6'"  H12    sing N N 206 
LR6 "C7'"  H13    sing N N 207 
LR6 "C7'"  H14    sing N N 208 
LR6 "C7'"  H15    sing N N 209 
LR6 "C9'"  H16    sing N N 210 
LR6 "C9'"  H17    sing N N 211 
LR6 "C9'"  H18    sing N N 212 
LR6 "N3'"  H19    sing N N 213 
LR6 "O3'"  "HO3'" sing N N 214 
LR6 OP2    HOP2   sing N N 215 
LR6 "C10'" H23    sing N N 216 
LR6 "C10'" H24    sing N N 217 
LR6 "C10'" H25    sing N N 218 
LR6 "C11'" H26    sing N N 219 
LR6 "C11'" H27    sing N N 220 
LR6 "C11'" H28    sing N N 221 
LR6 P      OP3    sing N N 222 
LR6 OP3    HOP3   sing N N 223 
# 
_ndb_struct_conf_na.entry_id   8HIS 
_ndb_struct_conf_na.feature    'a-form double helix' 
# 
loop_
_ndb_struct_na_base_pair.model_number 
_ndb_struct_na_base_pair.i_label_asym_id 
_ndb_struct_na_base_pair.i_label_comp_id 
_ndb_struct_na_base_pair.i_label_seq_id 
_ndb_struct_na_base_pair.i_symmetry 
_ndb_struct_na_base_pair.j_label_asym_id 
_ndb_struct_na_base_pair.j_label_comp_id 
_ndb_struct_na_base_pair.j_label_seq_id 
_ndb_struct_na_base_pair.j_symmetry 
_ndb_struct_na_base_pair.shear 
_ndb_struct_na_base_pair.stretch 
_ndb_struct_na_base_pair.stagger 
_ndb_struct_na_base_pair.buckle 
_ndb_struct_na_base_pair.propeller 
_ndb_struct_na_base_pair.opening 
_ndb_struct_na_base_pair.pair_number 
_ndb_struct_na_base_pair.pair_name 
_ndb_struct_na_base_pair.i_auth_asym_id 
_ndb_struct_na_base_pair.i_auth_seq_id 
_ndb_struct_na_base_pair.i_PDB_ins_code 
_ndb_struct_na_base_pair.j_auth_asym_id 
_ndb_struct_na_base_pair.j_auth_seq_id 
_ndb_struct_na_base_pair.j_PDB_ins_code 
_ndb_struct_na_base_pair.hbond_type_28 
_ndb_struct_na_base_pair.hbond_type_12 
1 A DG 1  1_555 B DC 10 1_555 -0.294 -0.057 -0.085 -6.334  -0.444  -2.695 1 A_DG1:DC20_B  A 1  ? B 20 ? 19 1 
1 A DC 2  1_555 B DG 9  1_555 0.203  -0.027 -0.096 10.888  -11.468 3.375  2 A_DC2:DG19_B  A 2  ? B 19 ? 19 1 
1 A DG 3  1_555 B DC 8  1_555 -0.369 -0.037 -0.254 -10.226 -14.431 5.606  3 A_DG3:DC18_B  A 3  ? B 18 ? 19 1 
1 A DT 4  1_555 B DA 7  1_555 -0.256 -0.111 -0.224 -0.933  -18.526 7.439  4 A_DT4:DA17_B  A 4  ? B 17 ? 20 1 
1 A DA 7  1_555 B DT 4  1_555 0.184  -0.171 0.155  0.380   -14.181 -0.927 5 A_DA7:DT14_B  A 7  ? B 14 ? 20 1 
1 A DC 8  1_555 B DG 3  1_555 0.394  -0.069 0.134  0.676   -14.963 4.813  6 A_DC8:DG13_B  A 8  ? B 13 ? 19 1 
1 A DG 9  1_555 B DC 2  1_555 -0.105 -0.232 0.167  -6.507  -10.211 2.801  7 A_DG9:DC12_B  A 9  ? B 12 ? 19 1 
1 A DC 10 1_555 B DG 1  1_555 0.178  -0.263 0.180  -4.273  5.458   2.319  8 A_DC10:DG11_B A 10 ? B 11 ? 19 1 
# 
loop_
_ndb_struct_na_base_pair_step.model_number 
_ndb_struct_na_base_pair_step.i_label_asym_id_1 
_ndb_struct_na_base_pair_step.i_label_comp_id_1 
_ndb_struct_na_base_pair_step.i_label_seq_id_1 
_ndb_struct_na_base_pair_step.i_symmetry_1 
_ndb_struct_na_base_pair_step.j_label_asym_id_1 
_ndb_struct_na_base_pair_step.j_label_comp_id_1 
_ndb_struct_na_base_pair_step.j_label_seq_id_1 
_ndb_struct_na_base_pair_step.j_symmetry_1 
_ndb_struct_na_base_pair_step.i_label_asym_id_2 
_ndb_struct_na_base_pair_step.i_label_comp_id_2 
_ndb_struct_na_base_pair_step.i_label_seq_id_2 
_ndb_struct_na_base_pair_step.i_symmetry_2 
_ndb_struct_na_base_pair_step.j_label_asym_id_2 
_ndb_struct_na_base_pair_step.j_label_comp_id_2 
_ndb_struct_na_base_pair_step.j_label_seq_id_2 
_ndb_struct_na_base_pair_step.j_symmetry_2 
_ndb_struct_na_base_pair_step.shift 
_ndb_struct_na_base_pair_step.slide 
_ndb_struct_na_base_pair_step.rise 
_ndb_struct_na_base_pair_step.tilt 
_ndb_struct_na_base_pair_step.roll 
_ndb_struct_na_base_pair_step.twist 
_ndb_struct_na_base_pair_step.x_displacement 
_ndb_struct_na_base_pair_step.y_displacement 
_ndb_struct_na_base_pair_step.helical_rise 
_ndb_struct_na_base_pair_step.inclination 
_ndb_struct_na_base_pair_step.tip 
_ndb_struct_na_base_pair_step.helical_twist 
_ndb_struct_na_base_pair_step.step_number 
_ndb_struct_na_base_pair_step.step_name 
_ndb_struct_na_base_pair_step.i_auth_asym_id_1 
_ndb_struct_na_base_pair_step.i_auth_seq_id_1 
_ndb_struct_na_base_pair_step.i_PDB_ins_code_1 
_ndb_struct_na_base_pair_step.j_auth_asym_id_1 
_ndb_struct_na_base_pair_step.j_auth_seq_id_1 
_ndb_struct_na_base_pair_step.j_PDB_ins_code_1 
_ndb_struct_na_base_pair_step.i_auth_asym_id_2 
_ndb_struct_na_base_pair_step.i_auth_seq_id_2 
_ndb_struct_na_base_pair_step.i_PDB_ins_code_2 
_ndb_struct_na_base_pair_step.j_auth_asym_id_2 
_ndb_struct_na_base_pair_step.j_auth_seq_id_2 
_ndb_struct_na_base_pair_step.j_PDB_ins_code_2 
1 A DG 1 1_555 B DC 10 1_555 A DC 2  1_555 B DG 9 1_555 1.139  -1.619 2.950 1.797  5.294  31.050 -3.837 -1.805 2.704 9.789  -3.323 
31.537 1 AA_DG1DC2:DG19DC20_BB  A 1 ? B 20 ? A 2  ? B 19 ? 
1 A DC 2 1_555 B DG 9  1_555 A DG 3  1_555 B DC 8 1_555 -0.248 -2.002 3.835 0.377  6.042  27.027 -5.804 0.619  3.314 12.726 -0.793 
27.684 2 AA_DC2DG3:DC18DG19_BB  A 2 ? B 19 ? A 3  ? B 18 ? 
1 A DG 3 1_555 B DC 8  1_555 A DT 4  1_555 B DA 7 1_555 -0.943 -1.176 2.945 -4.235 6.966  33.056 -2.992 1.015  2.744 12.016 7.306  
34.019 3 AA_DG3DT4:DA17DC18_BB  A 3 ? B 18 ? A 4  ? B 17 ? 
1 A DA 7 1_555 B DT 4  1_555 A DC 8  1_555 B DG 3 1_555 0.639  -1.903 3.233 2.249  -0.898 34.978 -3.024 -0.723 3.313 -1.492 -3.737 
35.059 4 AA_DA7DC8:DG13DT14_BB  A 7 ? B 14 ? A 8  ? B 13 ? 
1 A DC 8 1_555 B DG 3  1_555 A DG 9  1_555 B DC 2 1_555 -0.622 -1.882 3.216 -0.577 11.548 26.460 -6.020 1.136  2.228 23.835 1.192  
28.835 5 AA_DC8DG9:DC12DG13_BB  A 8 ? B 13 ? A 9  ? B 12 ? 
1 A DG 9 1_555 B DC 2  1_555 A DC 10 1_555 B DG 1 1_555 0.341  -1.382 3.485 0.434  -3.472 33.973 -1.755 -0.506 3.609 -5.923 -0.741 
34.147 6 AA_DG9DC10:DG11DC12_BB A 9 ? B 12 ? A 10 ? B 11 ? 
# 
loop_
_pdbx_audit_support.funding_organization 
_pdbx_audit_support.country 
_pdbx_audit_support.grant_number 
_pdbx_audit_support.ordinal 
'Japan Society for the Promotion of Science (JSPS)'        Japan 20K05748      1 
'Japan Society for the Promotion of Science (JSPS)'        Japan 21K06511      2 
'Japan Agency for Medical Research and Development (AMED)' Japan JP19am0101084 3 
'Japan Agency for Medical Research and Development (AMED)' Japan JP18am0301004 4 
'Japan Agency for Medical Research and Development (AMED)' Japan 19am0401003   5 
'Japan Agency for Medical Research and Development (AMED)' Japan JP21ae0121022 6 
'Japan Agency for Medical Research and Development (AMED)' Japan JP21ae0121023 7 
'Japan Agency for Medical Research and Development (AMED)' Japan JP21ae012102  8 
# 
_pdbx_entity_instance_feature.ordinal        1 
_pdbx_entity_instance_feature.comp_id        LR6 
_pdbx_entity_instance_feature.asym_id        ? 
_pdbx_entity_instance_feature.seq_num        ? 
_pdbx_entity_instance_feature.auth_comp_id   LR6 
_pdbx_entity_instance_feature.auth_asym_id   ? 
_pdbx_entity_instance_feature.auth_seq_num   ? 
_pdbx_entity_instance_feature.feature_type   'SUBJECT OF INVESTIGATION' 
_pdbx_entity_instance_feature.details        ? 
# 
loop_
_pdbx_entity_nonpoly.entity_id 
_pdbx_entity_nonpoly.name 
_pdbx_entity_nonpoly.comp_id 
2 'CACODYLIC ACID' CAD 
3 water            HOH 
# 
_pdbx_initial_refinement_model.id               1 
_pdbx_initial_refinement_model.entity_id_list   ? 
_pdbx_initial_refinement_model.type             'experimental model' 
_pdbx_initial_refinement_model.source_name      PDB 
_pdbx_initial_refinement_model.accession_code   1I5W 
_pdbx_initial_refinement_model.details          ? 
# 
_pdbx_struct_assembly_auth_evidence.id                     1 
_pdbx_struct_assembly_auth_evidence.assembly_id            1 
_pdbx_struct_assembly_auth_evidence.experimental_support   none 
_pdbx_struct_assembly_auth_evidence.details                ? 
# 
